data_1WFB
# 
_entry.id   1WFB 
# 
_audit_conform.dict_name       mmcif_pdbx.dic 
_audit_conform.dict_version    5.398 
_audit_conform.dict_location   http://mmcif.pdb.org/dictionaries/ascii/mmcif_pdbx.dic 
# 
loop_
_database_2.database_id 
_database_2.database_code 
_database_2.pdbx_database_accession 
_database_2.pdbx_DOI 
PDB   1WFB         pdb_00001wfb 10.2210/pdb1wfb/pdb 
WWPDB D_1000177187 ?            ?                   
# 
loop_
_pdbx_audit_revision_history.ordinal 
_pdbx_audit_revision_history.data_content_type 
_pdbx_audit_revision_history.major_revision 
_pdbx_audit_revision_history.minor_revision 
_pdbx_audit_revision_history.revision_date 
1 'Structure model' 1 0 1995-06-03 
2 'Structure model' 1 1 2008-03-24 
3 'Structure model' 1 2 2011-07-13 
4 'Structure model' 1 3 2024-06-05 
5 'Structure model' 1 4 2024-10-30 
# 
_pdbx_audit_revision_details.ordinal             1 
_pdbx_audit_revision_details.revision_ordinal    1 
_pdbx_audit_revision_details.data_content_type   'Structure model' 
_pdbx_audit_revision_details.provider            repository 
_pdbx_audit_revision_details.type                'Initial release' 
_pdbx_audit_revision_details.description         ? 
_pdbx_audit_revision_details.details             ? 
# 
loop_
_pdbx_audit_revision_group.ordinal 
_pdbx_audit_revision_group.revision_ordinal 
_pdbx_audit_revision_group.data_content_type 
_pdbx_audit_revision_group.group 
1 2 'Structure model' 'Version format compliance' 
2 3 'Structure model' 'Version format compliance' 
3 4 'Structure model' 'Data collection'           
4 4 'Structure model' 'Database references'       
5 4 'Structure model' 'Derived calculations'      
6 4 'Structure model' Other                       
7 5 'Structure model' 'Structure summary'         
# 
loop_
_pdbx_audit_revision_category.ordinal 
_pdbx_audit_revision_category.revision_ordinal 
_pdbx_audit_revision_category.data_content_type 
_pdbx_audit_revision_category.category 
1 4 'Structure model' chem_comp_atom            
2 4 'Structure model' chem_comp_bond            
3 4 'Structure model' database_2                
4 4 'Structure model' pdbx_database_status      
5 4 'Structure model' struct_conn               
6 4 'Structure model' struct_site               
7 5 'Structure model' pdbx_entry_details        
8 5 'Structure model' pdbx_modification_feature 
# 
loop_
_pdbx_audit_revision_item.ordinal 
_pdbx_audit_revision_item.revision_ordinal 
_pdbx_audit_revision_item.data_content_type 
_pdbx_audit_revision_item.item 
1 4 'Structure model' '_database_2.pdbx_DOI'                
2 4 'Structure model' '_database_2.pdbx_database_accession' 
3 4 'Structure model' '_pdbx_database_status.process_site'  
4 4 'Structure model' '_struct_conn.pdbx_leaving_atom_flag' 
5 4 'Structure model' '_struct_site.pdbx_auth_asym_id'      
6 4 'Structure model' '_struct_site.pdbx_auth_comp_id'      
7 4 'Structure model' '_struct_site.pdbx_auth_seq_id'       
# 
_pdbx_database_status.status_code                     REL 
_pdbx_database_status.entry_id                        1WFB 
_pdbx_database_status.recvd_initial_deposition_date   1995-04-03 
_pdbx_database_status.deposit_site                    ? 
_pdbx_database_status.process_site                    BNL 
_pdbx_database_status.SG_entry                        . 
_pdbx_database_status.status_code_sf                  ? 
_pdbx_database_status.status_code_mr                  ? 
_pdbx_database_status.pdb_format_compatible           Y 
_pdbx_database_status.status_code_cs                  ? 
_pdbx_database_status.status_code_nmr_data            ? 
_pdbx_database_status.methods_development_category    ? 
# 
_pdbx_database_related.db_name        PDB 
_pdbx_database_related.db_id          1WFA 
_pdbx_database_related.content_type   unspecified 
_pdbx_database_related.details        . 
# 
loop_
_audit_author.name 
_audit_author.pdbx_ordinal 
'Yang, D.S.C.' 1 
'Sicheri, F.'  2 
# 
loop_
_citation.id 
_citation.title 
_citation.journal_abbrev 
_citation.journal_volume 
_citation.page_first 
_citation.page_last 
_citation.year 
_citation.journal_id_ASTM 
_citation.country 
_citation.journal_id_ISSN 
_citation.journal_id_CSD 
_citation.book_publisher 
_citation.pdbx_database_id_PubMed 
_citation.pdbx_database_id_DOI 
primary 'Ice-binding structure and mechanism of an antifreeze protein from winter flounder.' Nature            375 427 431 1995 
NATUAS UK 0028-0836 0006 ? 7760940 10.1038/375427a0 
1       'Structure Determination of an Antifreeze Protein from Winter Flounder'              'To be Published' ?   ?   ?   ?    ? 
?  ?         0353 ? ?       ?                
# 
loop_
_citation_author.citation_id 
_citation_author.name 
_citation_author.ordinal 
_citation_author.identifier_ORCID 
primary 'Sicheri, F.'  1 ? 
primary 'Yang, D.S.'   2 ? 
1       'Sicheri, F.'  3 ? 
1       'Yang, D.S.C.' 4 ? 
# 
loop_
_entity.id 
_entity.type 
_entity.src_method 
_entity.pdbx_description 
_entity.formula_weight 
_entity.pdbx_number_of_molecules 
_entity.pdbx_ec 
_entity.pdbx_mutation 
_entity.pdbx_fragment 
_entity.details 
1 polymer man 'ANTIFREEZE PROTEIN ISOFORM HPLC6' 3242.490 2   ? ? ? ? 
2 water   nat water                              18.015   130 ? ? ? ? 
# 
_entity_poly.entity_id                      1 
_entity_poly.type                           'polypeptide(L)' 
_entity_poly.nstd_linkage                   no 
_entity_poly.nstd_monomer                   yes 
_entity_poly.pdbx_seq_one_letter_code       'DTASDAAAAAALTAANAKAAAELTAANAAAAAAATAR(NH2)' 
_entity_poly.pdbx_seq_one_letter_code_can   DTASDAAAAAALTAANAKAAAELTAANAAAAAAATARX 
_entity_poly.pdbx_strand_id                 A,B 
_entity_poly.pdbx_target_identifier         ? 
# 
_pdbx_entity_nonpoly.entity_id   2 
_pdbx_entity_nonpoly.name        water 
_pdbx_entity_nonpoly.comp_id     HOH 
# 
loop_
_entity_poly_seq.entity_id 
_entity_poly_seq.num 
_entity_poly_seq.mon_id 
_entity_poly_seq.hetero 
1 1  ASP n 
1 2  THR n 
1 3  ALA n 
1 4  SER n 
1 5  ASP n 
1 6  ALA n 
1 7  ALA n 
1 8  ALA n 
1 9  ALA n 
1 10 ALA n 
1 11 ALA n 
1 12 LEU n 
1 13 THR n 
1 14 ALA n 
1 15 ALA n 
1 16 ASN n 
1 17 ALA n 
1 18 LYS n 
1 19 ALA n 
1 20 ALA n 
1 21 ALA n 
1 22 GLU n 
1 23 LEU n 
1 24 THR n 
1 25 ALA n 
1 26 ALA n 
1 27 ASN n 
1 28 ALA n 
1 29 ALA n 
1 30 ALA n 
1 31 ALA n 
1 32 ALA n 
1 33 ALA n 
1 34 ALA n 
1 35 THR n 
1 36 ALA n 
1 37 ARG n 
1 38 NH2 n 
# 
_entity_src_gen.entity_id                          1 
_entity_src_gen.pdbx_src_id                        1 
_entity_src_gen.pdbx_alt_source_flag               sample 
_entity_src_gen.pdbx_seq_type                      ? 
_entity_src_gen.pdbx_beg_seq_num                   ? 
_entity_src_gen.pdbx_end_seq_num                   ? 
_entity_src_gen.gene_src_common_name               'winter flounder' 
_entity_src_gen.gene_src_genus                     Pseudopleuronectes 
_entity_src_gen.pdbx_gene_src_gene                 ? 
_entity_src_gen.gene_src_species                   ? 
_entity_src_gen.gene_src_strain                    ? 
_entity_src_gen.gene_src_tissue                    ? 
_entity_src_gen.gene_src_tissue_fraction           ? 
_entity_src_gen.gene_src_details                   ? 
_entity_src_gen.pdbx_gene_src_fragment             ? 
_entity_src_gen.pdbx_gene_src_scientific_name      'Pseudopleuronectes americanus' 
_entity_src_gen.pdbx_gene_src_ncbi_taxonomy_id     8265 
_entity_src_gen.pdbx_gene_src_variant              ? 
_entity_src_gen.pdbx_gene_src_cell_line            ? 
_entity_src_gen.pdbx_gene_src_atcc                 ? 
_entity_src_gen.pdbx_gene_src_organ                ? 
_entity_src_gen.pdbx_gene_src_organelle            ? 
_entity_src_gen.pdbx_gene_src_cell                 ? 
_entity_src_gen.pdbx_gene_src_cellular_location    ? 
_entity_src_gen.host_org_common_name               ? 
_entity_src_gen.pdbx_host_org_scientific_name      ? 
_entity_src_gen.pdbx_host_org_ncbi_taxonomy_id     ? 
_entity_src_gen.host_org_genus                     ? 
_entity_src_gen.pdbx_host_org_gene                 ? 
_entity_src_gen.pdbx_host_org_organ                ? 
_entity_src_gen.host_org_species                   ? 
_entity_src_gen.pdbx_host_org_tissue               ? 
_entity_src_gen.pdbx_host_org_tissue_fraction      ? 
_entity_src_gen.pdbx_host_org_strain               ? 
_entity_src_gen.pdbx_host_org_variant              ? 
_entity_src_gen.pdbx_host_org_cell_line            ? 
_entity_src_gen.pdbx_host_org_atcc                 ? 
_entity_src_gen.pdbx_host_org_culture_collection   ? 
_entity_src_gen.pdbx_host_org_cell                 ? 
_entity_src_gen.pdbx_host_org_organelle            ? 
_entity_src_gen.pdbx_host_org_cellular_location    ? 
_entity_src_gen.pdbx_host_org_vector_type          ? 
_entity_src_gen.pdbx_host_org_vector               ? 
_entity_src_gen.host_org_details                   ? 
_entity_src_gen.expression_system_id               ? 
_entity_src_gen.plasmid_name                       ? 
_entity_src_gen.plasmid_details                    ? 
_entity_src_gen.pdbx_description                   ? 
# 
loop_
_chem_comp.id 
_chem_comp.type 
_chem_comp.mon_nstd_flag 
_chem_comp.name 
_chem_comp.pdbx_synonyms 
_chem_comp.formula 
_chem_comp.formula_weight 
ALA 'L-peptide linking' y ALANINE         ? 'C3 H7 N O2'     89.093  
ARG 'L-peptide linking' y ARGININE        ? 'C6 H15 N4 O2 1' 175.209 
ASN 'L-peptide linking' y ASPARAGINE      ? 'C4 H8 N2 O3'    132.118 
ASP 'L-peptide linking' y 'ASPARTIC ACID' ? 'C4 H7 N O4'     133.103 
GLU 'L-peptide linking' y 'GLUTAMIC ACID' ? 'C5 H9 N O4'     147.129 
HOH non-polymer         . WATER           ? 'H2 O'           18.015  
LEU 'L-peptide linking' y LEUCINE         ? 'C6 H13 N O2'    131.173 
LYS 'L-peptide linking' y LYSINE          ? 'C6 H15 N2 O2 1' 147.195 
NH2 non-polymer         . 'AMINO GROUP'   ? 'H2 N'           16.023  
SER 'L-peptide linking' y SERINE          ? 'C3 H7 N O3'     105.093 
THR 'L-peptide linking' y THREONINE       ? 'C4 H9 N O3'     119.119 
# 
loop_
_pdbx_poly_seq_scheme.asym_id 
_pdbx_poly_seq_scheme.entity_id 
_pdbx_poly_seq_scheme.seq_id 
_pdbx_poly_seq_scheme.mon_id 
_pdbx_poly_seq_scheme.ndb_seq_num 
_pdbx_poly_seq_scheme.pdb_seq_num 
_pdbx_poly_seq_scheme.auth_seq_num 
_pdbx_poly_seq_scheme.pdb_mon_id 
_pdbx_poly_seq_scheme.auth_mon_id 
_pdbx_poly_seq_scheme.pdb_strand_id 
_pdbx_poly_seq_scheme.pdb_ins_code 
_pdbx_poly_seq_scheme.hetero 
A 1 1  ASP 1  1  1  ASP ASP A . n 
A 1 2  THR 2  2  2  THR THR A . n 
A 1 3  ALA 3  3  3  ALA ALA A . n 
A 1 4  SER 4  4  4  SER SER A . n 
A 1 5  ASP 5  5  5  ASP ASP A . n 
A 1 6  ALA 6  6  6  ALA ALA A . n 
A 1 7  ALA 7  7  7  ALA ALA A . n 
A 1 8  ALA 8  8  8  ALA ALA A . n 
A 1 9  ALA 9  9  9  ALA ALA A . n 
A 1 10 ALA 10 10 10 ALA ALA A . n 
A 1 11 ALA 11 11 11 ALA ALA A . n 
A 1 12 LEU 12 12 12 LEU LEU A . n 
A 1 13 THR 13 13 13 THR THR A . n 
A 1 14 ALA 14 14 14 ALA ALA A . n 
A 1 15 ALA 15 15 15 ALA ALA A . n 
A 1 16 ASN 16 16 16 ASN ASN A . n 
A 1 17 ALA 17 17 17 ALA ALA A . n 
A 1 18 LYS 18 18 18 LYS LYS A . n 
A 1 19 ALA 19 19 19 ALA ALA A . n 
A 1 20 ALA 20 20 20 ALA ALA A . n 
A 1 21 ALA 21 21 21 ALA ALA A . n 
A 1 22 GLU 22 22 22 GLU GLU A . n 
A 1 23 LEU 23 23 23 LEU LEU A . n 
A 1 24 THR 24 24 24 THR THR A . n 
A 1 25 ALA 25 25 25 ALA ALA A . n 
A 1 26 ALA 26 26 26 ALA ALA A . n 
A 1 27 ASN 27 27 27 ASN ASN A . n 
A 1 28 ALA 28 28 28 ALA ALA A . n 
A 1 29 ALA 29 29 29 ALA ALA A . n 
A 1 30 ALA 30 30 30 ALA ALA A . n 
A 1 31 ALA 31 31 31 ALA ALA A . n 
A 1 32 ALA 32 32 32 ALA ALA A . n 
A 1 33 ALA 33 33 33 ALA ALA A . n 
A 1 34 ALA 34 34 34 ALA ALA A . n 
A 1 35 THR 35 35 35 THR THR A . n 
A 1 36 ALA 36 36 36 ALA ALA A . n 
A 1 37 ARG 37 37 37 ARG ARG A . n 
A 1 38 NH2 38 38 38 NH2 NH2 A . n 
B 1 1  ASP 1  1  1  ASP ASP B . n 
B 1 2  THR 2  2  2  THR THR B . n 
B 1 3  ALA 3  3  3  ALA ALA B . n 
B 1 4  SER 4  4  4  SER SER B . n 
B 1 5  ASP 5  5  5  ASP ASP B . n 
B 1 6  ALA 6  6  6  ALA ALA B . n 
B 1 7  ALA 7  7  7  ALA ALA B . n 
B 1 8  ALA 8  8  8  ALA ALA B . n 
B 1 9  ALA 9  9  9  ALA ALA B . n 
B 1 10 ALA 10 10 10 ALA ALA B . n 
B 1 11 ALA 11 11 11 ALA ALA B . n 
B 1 12 LEU 12 12 12 LEU LEU B . n 
B 1 13 THR 13 13 13 THR THR B . n 
B 1 14 ALA 14 14 14 ALA ALA B . n 
B 1 15 ALA 15 15 15 ALA ALA B . n 
B 1 16 ASN 16 16 16 ASN ASN B . n 
B 1 17 ALA 17 17 17 ALA ALA B . n 
B 1 18 LYS 18 18 18 LYS LYS B . n 
B 1 19 ALA 19 19 19 ALA ALA B . n 
B 1 20 ALA 20 20 20 ALA ALA B . n 
B 1 21 ALA 21 21 21 ALA ALA B . n 
B 1 22 GLU 22 22 22 GLU GLU B . n 
B 1 23 LEU 23 23 23 LEU LEU B . n 
B 1 24 THR 24 24 24 THR THR B . n 
B 1 25 ALA 25 25 25 ALA ALA B . n 
B 1 26 ALA 26 26 26 ALA ALA B . n 
B 1 27 ASN 27 27 27 ASN ASN B . n 
B 1 28 ALA 28 28 28 ALA ALA B . n 
B 1 29 ALA 29 29 29 ALA ALA B . n 
B 1 30 ALA 30 30 30 ALA ALA B . n 
B 1 31 ALA 31 31 31 ALA ALA B . n 
B 1 32 ALA 32 32 32 ALA ALA B . n 
B 1 33 ALA 33 33 33 ALA ALA B . n 
B 1 34 ALA 34 34 34 ALA ALA B . n 
B 1 35 THR 35 35 35 THR THR B . n 
B 1 36 ALA 36 36 36 ALA ALA B . n 
B 1 37 ARG 37 37 37 ARG ARG B . n 
B 1 38 NH2 38 38 38 NH2 NH2 B . n 
# 
loop_
_pdbx_nonpoly_scheme.asym_id 
_pdbx_nonpoly_scheme.entity_id 
_pdbx_nonpoly_scheme.mon_id 
_pdbx_nonpoly_scheme.ndb_seq_num 
_pdbx_nonpoly_scheme.pdb_seq_num 
_pdbx_nonpoly_scheme.auth_seq_num 
_pdbx_nonpoly_scheme.pdb_mon_id 
_pdbx_nonpoly_scheme.auth_mon_id 
_pdbx_nonpoly_scheme.pdb_strand_id 
_pdbx_nonpoly_scheme.pdb_ins_code 
C 2 HOH 1  202 202 HOH HOH A . 
C 2 HOH 2  203 203 HOH HOH A . 
C 2 HOH 3  205 205 HOH HOH A . 
C 2 HOH 4  207 207 HOH HOH A . 
C 2 HOH 5  209 209 HOH HOH A . 
C 2 HOH 6  210 210 HOH HOH A . 
C 2 HOH 7  216 216 HOH HOH A . 
C 2 HOH 8  217 217 HOH HOH A . 
C 2 HOH 9  218 218 HOH HOH A . 
C 2 HOH 10 219 219 HOH HOH A . 
C 2 HOH 11 220 220 HOH HOH A . 
C 2 HOH 12 221 221 HOH HOH A . 
C 2 HOH 13 225 225 HOH HOH A . 
C 2 HOH 14 226 226 HOH HOH A . 
C 2 HOH 15 228 228 HOH HOH A . 
C 2 HOH 16 230 230 HOH HOH A . 
C 2 HOH 17 232 232 HOH HOH A . 
C 2 HOH 18 233 233 HOH HOH A . 
C 2 HOH 19 234 234 HOH HOH A . 
C 2 HOH 20 235 235 HOH HOH A . 
C 2 HOH 21 241 241 HOH HOH A . 
C 2 HOH 22 242 242 HOH HOH A . 
C 2 HOH 23 246 246 HOH HOH A . 
C 2 HOH 24 247 247 HOH HOH A . 
C 2 HOH 25 248 248 HOH HOH A . 
C 2 HOH 26 249 249 HOH HOH A . 
C 2 HOH 27 251 251 HOH HOH A . 
C 2 HOH 28 252 252 HOH HOH A . 
C 2 HOH 29 255 255 HOH HOH A . 
C 2 HOH 30 256 256 HOH HOH A . 
C 2 HOH 31 257 257 HOH HOH A . 
C 2 HOH 32 258 258 HOH HOH A . 
C 2 HOH 33 259 259 HOH HOH A . 
C 2 HOH 34 266 266 HOH HOH A . 
C 2 HOH 35 267 267 HOH HOH A . 
C 2 HOH 36 270 270 HOH HOH A . 
C 2 HOH 37 271 271 HOH HOH A . 
C 2 HOH 38 272 272 HOH HOH A . 
C 2 HOH 39 273 273 HOH HOH A . 
C 2 HOH 40 275 275 HOH HOH A . 
C 2 HOH 41 279 279 HOH HOH A . 
C 2 HOH 42 281 281 HOH HOH A . 
C 2 HOH 43 283 283 HOH HOH A . 
C 2 HOH 44 294 294 HOH HOH A . 
C 2 HOH 45 297 297 HOH HOH A . 
C 2 HOH 46 301 301 HOH HOH A . 
C 2 HOH 47 302 302 HOH HOH A . 
C 2 HOH 48 303 303 HOH HOH A . 
C 2 HOH 49 304 304 HOH HOH A . 
C 2 HOH 50 305 305 HOH HOH A . 
C 2 HOH 51 306 306 HOH HOH A . 
C 2 HOH 52 307 307 HOH HOH A . 
C 2 HOH 53 308 308 HOH HOH A . 
C 2 HOH 54 309 309 HOH HOH A . 
C 2 HOH 55 311 311 HOH HOH A . 
C 2 HOH 56 313 313 HOH HOH A . 
C 2 HOH 57 314 314 HOH HOH A . 
C 2 HOH 58 315 315 HOH HOH A . 
C 2 HOH 59 316 316 HOH HOH A . 
C 2 HOH 60 317 317 HOH HOH A . 
C 2 HOH 61 320 320 HOH HOH A . 
C 2 HOH 62 322 322 HOH HOH A . 
C 2 HOH 63 323 323 HOH HOH A . 
C 2 HOH 64 326 326 HOH HOH A . 
C 2 HOH 65 328 328 HOH HOH A . 
C 2 HOH 66 329 329 HOH HOH A . 
C 2 HOH 67 330 330 HOH HOH A . 
D 2 HOH 1  201 201 HOH HOH B . 
D 2 HOH 2  204 204 HOH HOH B . 
D 2 HOH 3  206 206 HOH HOH B . 
D 2 HOH 4  208 208 HOH HOH B . 
D 2 HOH 5  211 211 HOH HOH B . 
D 2 HOH 6  212 212 HOH HOH B . 
D 2 HOH 7  213 213 HOH HOH B . 
D 2 HOH 8  214 214 HOH HOH B . 
D 2 HOH 9  215 215 HOH HOH B . 
D 2 HOH 10 222 222 HOH HOH B . 
D 2 HOH 11 223 223 HOH HOH B . 
D 2 HOH 12 224 224 HOH HOH B . 
D 2 HOH 13 227 227 HOH HOH B . 
D 2 HOH 14 229 229 HOH HOH B . 
D 2 HOH 15 231 231 HOH HOH B . 
D 2 HOH 16 236 236 HOH HOH B . 
D 2 HOH 17 237 237 HOH HOH B . 
D 2 HOH 18 238 238 HOH HOH B . 
D 2 HOH 19 239 239 HOH HOH B . 
D 2 HOH 20 240 240 HOH HOH B . 
D 2 HOH 21 243 243 HOH HOH B . 
D 2 HOH 22 244 244 HOH HOH B . 
D 2 HOH 23 245 245 HOH HOH B . 
D 2 HOH 24 250 250 HOH HOH B . 
D 2 HOH 25 253 253 HOH HOH B . 
D 2 HOH 26 254 254 HOH HOH B . 
D 2 HOH 27 260 260 HOH HOH B . 
D 2 HOH 28 261 261 HOH HOH B . 
D 2 HOH 29 262 262 HOH HOH B . 
D 2 HOH 30 263 263 HOH HOH B . 
D 2 HOH 31 264 264 HOH HOH B . 
D 2 HOH 32 265 265 HOH HOH B . 
D 2 HOH 33 268 268 HOH HOH B . 
D 2 HOH 34 269 269 HOH HOH B . 
D 2 HOH 35 274 274 HOH HOH B . 
D 2 HOH 36 276 276 HOH HOH B . 
D 2 HOH 37 277 277 HOH HOH B . 
D 2 HOH 38 278 278 HOH HOH B . 
D 2 HOH 39 280 280 HOH HOH B . 
D 2 HOH 40 282 282 HOH HOH B . 
D 2 HOH 41 284 284 HOH HOH B . 
D 2 HOH 42 285 285 HOH HOH B . 
D 2 HOH 43 286 286 HOH HOH B . 
D 2 HOH 44 287 287 HOH HOH B . 
D 2 HOH 45 288 288 HOH HOH B . 
D 2 HOH 46 289 289 HOH HOH B . 
D 2 HOH 47 290 290 HOH HOH B . 
D 2 HOH 48 291 291 HOH HOH B . 
D 2 HOH 49 292 292 HOH HOH B . 
D 2 HOH 50 293 293 HOH HOH B . 
D 2 HOH 51 295 295 HOH HOH B . 
D 2 HOH 52 296 296 HOH HOH B . 
D 2 HOH 53 298 298 HOH HOH B . 
D 2 HOH 54 299 299 HOH HOH B . 
D 2 HOH 55 300 300 HOH HOH B . 
D 2 HOH 56 310 310 HOH HOH B . 
D 2 HOH 57 312 312 HOH HOH B . 
D 2 HOH 58 318 318 HOH HOH B . 
D 2 HOH 59 319 319 HOH HOH B . 
D 2 HOH 60 321 321 HOH HOH B . 
D 2 HOH 61 324 324 HOH HOH B . 
D 2 HOH 62 325 325 HOH HOH B . 
D 2 HOH 63 327 327 HOH HOH B . 
# 
loop_
_software.name 
_software.classification 
_software.version 
_software.citation_id 
_software.pdbx_ordinal 
X-PLOR 'model building' . ? 1 
X-PLOR refinement       . ? 2 
RIGAKU 'data reduction' . ? 3 
X-PLOR phasing          . ? 4 
# 
_cell.entry_id           1WFB 
_cell.length_a           37.409 
_cell.length_b           36.543 
_cell.length_c           21.360 
_cell.angle_alpha        90.00 
_cell.angle_beta         103.36 
_cell.angle_gamma        90.00 
_cell.Z_PDB              4 
_cell.pdbx_unique_axis   ? 
_cell.length_a_esd       ? 
_cell.length_b_esd       ? 
_cell.length_c_esd       ? 
_cell.angle_alpha_esd    ? 
_cell.angle_beta_esd     ? 
_cell.angle_gamma_esd    ? 
# 
_symmetry.entry_id                         1WFB 
_symmetry.space_group_name_H-M             'P 1 21 1' 
_symmetry.pdbx_full_space_group_name_H-M   ? 
_symmetry.cell_setting                     ? 
_symmetry.Int_Tables_number                4 
_symmetry.space_group_name_Hall            ? 
# 
_exptl.entry_id          1WFB 
_exptl.method            'X-RAY DIFFRACTION' 
_exptl.crystals_number   ? 
# 
_exptl_crystal.id                    1 
_exptl_crystal.density_meas          ? 
_exptl_crystal.density_Matthews      2.19 
_exptl_crystal.density_percent_sol   43.85 
_exptl_crystal.description           ? 
_exptl_crystal.F_000                 ? 
_exptl_crystal.preparation           ? 
# 
_diffrn.id                     1 
_diffrn.ambient_temp           ? 
_diffrn.ambient_temp_details   ? 
_diffrn.crystal_id             1 
# 
_diffrn_detector.diffrn_id              1 
_diffrn_detector.detector               'IMAGE PLATE' 
_diffrn_detector.type                   'RIGAKU RAXIS II' 
_diffrn_detector.pdbx_collection_date   1993-07 
_diffrn_detector.details                ? 
# 
_diffrn_radiation.diffrn_id                        1 
_diffrn_radiation.wavelength_id                    1 
_diffrn_radiation.pdbx_monochromatic_or_laue_m_l   ? 
_diffrn_radiation.monochromator                    ? 
_diffrn_radiation.pdbx_diffrn_protocol             ? 
_diffrn_radiation.pdbx_scattering_type             x-ray 
# 
_diffrn_radiation_wavelength.id           1 
_diffrn_radiation_wavelength.wavelength   1.54 
_diffrn_radiation_wavelength.wt           1.0 
# 
_diffrn_source.diffrn_id                   1 
_diffrn_source.source                      ? 
_diffrn_source.type                        ? 
_diffrn_source.pdbx_synchrotron_site       ? 
_diffrn_source.pdbx_synchrotron_beamline   ? 
_diffrn_source.pdbx_wavelength             1.54 
_diffrn_source.pdbx_wavelength_list        ? 
# 
_reflns.entry_id                     1WFB 
_reflns.observed_criterion_sigma_I   1. 
_reflns.observed_criterion_sigma_F   ? 
_reflns.d_resolution_low             ? 
_reflns.d_resolution_high            ? 
_reflns.number_obs                   8329 
_reflns.number_all                   ? 
_reflns.percent_possible_obs         89.2 
_reflns.pdbx_Rmerge_I_obs            0.054 
_reflns.pdbx_Rsym_value              ? 
_reflns.pdbx_netI_over_sigmaI        ? 
_reflns.B_iso_Wilson_estimate        ? 
_reflns.pdbx_redundancy              3.4 
_reflns.R_free_details               ? 
_reflns.limit_h_max                  ? 
_reflns.limit_h_min                  ? 
_reflns.limit_k_max                  ? 
_reflns.limit_k_min                  ? 
_reflns.limit_l_max                  ? 
_reflns.limit_l_min                  ? 
_reflns.observed_criterion_F_max     ? 
_reflns.observed_criterion_F_min     ? 
_reflns.pdbx_chi_squared             ? 
_reflns.pdbx_scaling_rejects         ? 
_reflns.pdbx_diffrn_id               1 
_reflns.pdbx_ordinal                 1 
# 
_refine.entry_id                                 1WFB 
_refine.ls_number_reflns_obs                     8218 
_refine.ls_number_reflns_all                     ? 
_refine.pdbx_ls_sigma_I                          ? 
_refine.pdbx_ls_sigma_F                          1. 
_refine.pdbx_data_cutoff_high_absF               ? 
_refine.pdbx_data_cutoff_low_absF                ? 
_refine.pdbx_data_cutoff_high_rms_absF           ? 
_refine.ls_d_res_low                             8.0 
_refine.ls_d_res_high                            1.5 
_refine.ls_percent_reflns_obs                    83.8 
_refine.ls_R_factor_obs                          0.177 
_refine.ls_R_factor_all                          ? 
_refine.ls_R_factor_R_work                       0.177 
_refine.ls_R_factor_R_free                       0.196 
_refine.ls_R_factor_R_free_error                 ? 
_refine.ls_R_factor_R_free_error_details         ? 
_refine.ls_percent_reflns_R_free                 ? 
_refine.ls_number_reflns_R_free                  ? 
_refine.ls_number_parameters                     ? 
_refine.ls_number_restraints                     ? 
_refine.occupancy_min                            ? 
_refine.occupancy_max                            ? 
_refine.B_iso_mean                               ? 
_refine.aniso_B[1][1]                            ? 
_refine.aniso_B[2][2]                            ? 
_refine.aniso_B[3][3]                            ? 
_refine.aniso_B[1][2]                            ? 
_refine.aniso_B[1][3]                            ? 
_refine.aniso_B[2][3]                            ? 
_refine.solvent_model_details                    ? 
_refine.solvent_model_param_ksol                 ? 
_refine.solvent_model_param_bsol                 ? 
_refine.pdbx_ls_cross_valid_method               ? 
_refine.details                                  ? 
_refine.pdbx_starting_model                      ? 
_refine.pdbx_method_to_determine_struct          ? 
_refine.pdbx_isotropic_thermal_model             ? 
_refine.pdbx_stereochemistry_target_values       ? 
_refine.pdbx_stereochem_target_val_spec_case     ? 
_refine.pdbx_R_Free_selection_details            ? 
_refine.pdbx_overall_ESU_R                       ? 
_refine.pdbx_overall_ESU_R_Free                  ? 
_refine.overall_SU_ML                            ? 
_refine.overall_SU_B                             ? 
_refine.pdbx_refine_id                           'X-RAY DIFFRACTION' 
_refine.ls_redundancy_reflns_obs                 ? 
_refine.pdbx_overall_phase_error                 ? 
_refine.B_iso_min                                ? 
_refine.B_iso_max                                ? 
_refine.correlation_coeff_Fo_to_Fc               ? 
_refine.correlation_coeff_Fo_to_Fc_free          ? 
_refine.pdbx_solvent_vdw_probe_radii             ? 
_refine.pdbx_solvent_ion_probe_radii             ? 
_refine.pdbx_solvent_shrinkage_radii             ? 
_refine.overall_SU_R_Cruickshank_DPI             ? 
_refine.overall_SU_R_free                        ? 
_refine.ls_wR_factor_R_free                      ? 
_refine.ls_wR_factor_R_work                      ? 
_refine.overall_FOM_free_R_set                   ? 
_refine.overall_FOM_work_R_set                   ? 
_refine.pdbx_diffrn_id                           1 
_refine.pdbx_TLS_residual_ADP_flag               ? 
_refine.pdbx_overall_SU_R_free_Cruickshank_DPI   ? 
_refine.pdbx_overall_SU_R_Blow_DPI               ? 
_refine.pdbx_overall_SU_R_free_Blow_DPI          ? 
# 
_refine_hist.pdbx_refine_id                   'X-RAY DIFFRACTION' 
_refine_hist.cycle_id                         LAST 
_refine_hist.pdbx_number_atoms_protein        566 
_refine_hist.pdbx_number_atoms_nucleic_acid   0 
_refine_hist.pdbx_number_atoms_ligand         0 
_refine_hist.number_atoms_solvent             390 
_refine_hist.number_atoms_total               956 
_refine_hist.d_res_high                       1.5 
_refine_hist.d_res_low                        8.0 
# 
loop_
_refine_ls_restr.type 
_refine_ls_restr.dev_ideal 
_refine_ls_restr.dev_ideal_target 
_refine_ls_restr.weight 
_refine_ls_restr.number 
_refine_ls_restr.pdbx_refine_id 
_refine_ls_restr.pdbx_restraint_function 
x_bond_d                0.013 ? ? ? 'X-RAY DIFFRACTION' ? 
x_bond_d_na             ?     ? ? ? 'X-RAY DIFFRACTION' ? 
x_bond_d_prot           ?     ? ? ? 'X-RAY DIFFRACTION' ? 
x_angle_d               ?     ? ? ? 'X-RAY DIFFRACTION' ? 
x_angle_d_na            ?     ? ? ? 'X-RAY DIFFRACTION' ? 
x_angle_d_prot          ?     ? ? ? 'X-RAY DIFFRACTION' ? 
x_angle_deg             1.8   ? ? ? 'X-RAY DIFFRACTION' ? 
x_angle_deg_na          ?     ? ? ? 'X-RAY DIFFRACTION' ? 
x_angle_deg_prot        ?     ? ? ? 'X-RAY DIFFRACTION' ? 
x_dihedral_angle_d      ?     ? ? ? 'X-RAY DIFFRACTION' ? 
x_dihedral_angle_d_na   ?     ? ? ? 'X-RAY DIFFRACTION' ? 
x_dihedral_angle_d_prot ?     ? ? ? 'X-RAY DIFFRACTION' ? 
x_improper_angle_d      ?     ? ? ? 'X-RAY DIFFRACTION' ? 
x_improper_angle_d_na   ?     ? ? ? 'X-RAY DIFFRACTION' ? 
x_improper_angle_d_prot ?     ? ? ? 'X-RAY DIFFRACTION' ? 
x_mcbond_it             ?     ? ? ? 'X-RAY DIFFRACTION' ? 
x_mcangle_it            ?     ? ? ? 'X-RAY DIFFRACTION' ? 
x_scbond_it             ?     ? ? ? 'X-RAY DIFFRACTION' ? 
x_scangle_it            ?     ? ? ? 'X-RAY DIFFRACTION' ? 
# 
_struct.entry_id                  1WFB 
_struct.title                     'WINTER FLOUNDER ANTIFREEZE PROTEIN ISOFORM HPLC6 AT-180 DEGREES C' 
_struct.pdbx_model_details        ? 
_struct.pdbx_CASP_flag            ? 
_struct.pdbx_model_type_details   ? 
# 
_struct_keywords.entry_id        1WFB 
_struct_keywords.pdbx_keywords   'ANTIFREEZE POLYPEPTIDE' 
_struct_keywords.text            'ICE BINDING PROTEIN, THERMAL HYSTERESIS PROTEIN, ANTIFREEZE POLYPEPTIDE' 
# 
loop_
_struct_asym.id 
_struct_asym.pdbx_blank_PDB_chainid_flag 
_struct_asym.pdbx_modified 
_struct_asym.entity_id 
_struct_asym.details 
A N N 1 ? 
B N N 1 ? 
C N N 2 ? 
D N N 2 ? 
# 
_struct_ref.id                         1 
_struct_ref.db_name                    UNP 
_struct_ref.db_code                    ANPA_PSEAM 
_struct_ref.entity_id                  1 
_struct_ref.pdbx_db_accession          P04002 
_struct_ref.pdbx_align_begin           1 
_struct_ref.pdbx_seq_one_letter_code   
;MALSLFTVGQLIFLFWTMRITEASPDPAAKAAPAAAAAPAAAAPDTASDAAAAAALTAANAKAAAELTAANAAAAAAATA
RG
;
_struct_ref.pdbx_db_isoform            ? 
# 
loop_
_struct_ref_seq.align_id 
_struct_ref_seq.ref_id 
_struct_ref_seq.pdbx_PDB_id_code 
_struct_ref_seq.pdbx_strand_id 
_struct_ref_seq.seq_align_beg 
_struct_ref_seq.pdbx_seq_align_beg_ins_code 
_struct_ref_seq.seq_align_end 
_struct_ref_seq.pdbx_seq_align_end_ins_code 
_struct_ref_seq.pdbx_db_accession 
_struct_ref_seq.db_align_beg 
_struct_ref_seq.pdbx_db_align_beg_ins_code 
_struct_ref_seq.db_align_end 
_struct_ref_seq.pdbx_db_align_end_ins_code 
_struct_ref_seq.pdbx_auth_seq_align_beg 
_struct_ref_seq.pdbx_auth_seq_align_end 
1 1 1WFB A 1 ? 37 ? P04002 45 ? 81 ? 1 37 
2 1 1WFB B 1 ? 37 ? P04002 45 ? 81 ? 1 37 
# 
loop_
_pdbx_struct_assembly.id 
_pdbx_struct_assembly.details 
_pdbx_struct_assembly.method_details 
_pdbx_struct_assembly.oligomeric_details 
_pdbx_struct_assembly.oligomeric_count 
1 author_defined_assembly ? monomeric 1 
2 author_defined_assembly ? monomeric 1 
# 
loop_
_pdbx_struct_assembly_gen.assembly_id 
_pdbx_struct_assembly_gen.oper_expression 
_pdbx_struct_assembly_gen.asym_id_list 
1 1 A,C 
2 1 B,D 
# 
_pdbx_struct_oper_list.id                   1 
_pdbx_struct_oper_list.type                 'identity operation' 
_pdbx_struct_oper_list.name                 1_555 
_pdbx_struct_oper_list.symmetry_operation   x,y,z 
_pdbx_struct_oper_list.matrix[1][1]         1.0000000000 
_pdbx_struct_oper_list.matrix[1][2]         0.0000000000 
_pdbx_struct_oper_list.matrix[1][3]         0.0000000000 
_pdbx_struct_oper_list.vector[1]            0.0000000000 
_pdbx_struct_oper_list.matrix[2][1]         0.0000000000 
_pdbx_struct_oper_list.matrix[2][2]         1.0000000000 
_pdbx_struct_oper_list.matrix[2][3]         0.0000000000 
_pdbx_struct_oper_list.vector[2]            0.0000000000 
_pdbx_struct_oper_list.matrix[3][1]         0.0000000000 
_pdbx_struct_oper_list.matrix[3][2]         0.0000000000 
_pdbx_struct_oper_list.matrix[3][3]         1.0000000000 
_pdbx_struct_oper_list.vector[3]            0.0000000000 
# 
loop_
_struct_biol.id 
_struct_biol.details 
1 ? 
2 ? 
# 
loop_
_struct_conf.conf_type_id 
_struct_conf.id 
_struct_conf.pdbx_PDB_helix_id 
_struct_conf.beg_label_comp_id 
_struct_conf.beg_label_asym_id 
_struct_conf.beg_label_seq_id 
_struct_conf.pdbx_beg_PDB_ins_code 
_struct_conf.end_label_comp_id 
_struct_conf.end_label_asym_id 
_struct_conf.end_label_seq_id 
_struct_conf.pdbx_end_PDB_ins_code 
_struct_conf.beg_auth_comp_id 
_struct_conf.beg_auth_asym_id 
_struct_conf.beg_auth_seq_id 
_struct_conf.end_auth_comp_id 
_struct_conf.end_auth_asym_id 
_struct_conf.end_auth_seq_id 
_struct_conf.pdbx_PDB_helix_class 
_struct_conf.details 
_struct_conf.pdbx_PDB_helix_length 
HELX_P HELX_P1 1 THR A 2 ? THR A 35 ? THR A 2 THR A 35 1 ? 34 
HELX_P HELX_P2 2 THR B 2 ? THR B 35 ? THR B 2 THR B 35 1 ? 34 
# 
_struct_conf_type.id          HELX_P 
_struct_conf_type.criteria    ? 
_struct_conf_type.reference   ? 
# 
loop_
_struct_conn.id 
_struct_conn.conn_type_id 
_struct_conn.pdbx_leaving_atom_flag 
_struct_conn.pdbx_PDB_id 
_struct_conn.ptnr1_label_asym_id 
_struct_conn.ptnr1_label_comp_id 
_struct_conn.ptnr1_label_seq_id 
_struct_conn.ptnr1_label_atom_id 
_struct_conn.pdbx_ptnr1_label_alt_id 
_struct_conn.pdbx_ptnr1_PDB_ins_code 
_struct_conn.pdbx_ptnr1_standard_comp_id 
_struct_conn.ptnr1_symmetry 
_struct_conn.ptnr2_label_asym_id 
_struct_conn.ptnr2_label_comp_id 
_struct_conn.ptnr2_label_seq_id 
_struct_conn.ptnr2_label_atom_id 
_struct_conn.pdbx_ptnr2_label_alt_id 
_struct_conn.pdbx_ptnr2_PDB_ins_code 
_struct_conn.ptnr1_auth_asym_id 
_struct_conn.ptnr1_auth_comp_id 
_struct_conn.ptnr1_auth_seq_id 
_struct_conn.ptnr2_auth_asym_id 
_struct_conn.ptnr2_auth_comp_id 
_struct_conn.ptnr2_auth_seq_id 
_struct_conn.ptnr2_symmetry 
_struct_conn.pdbx_ptnr3_label_atom_id 
_struct_conn.pdbx_ptnr3_label_seq_id 
_struct_conn.pdbx_ptnr3_label_comp_id 
_struct_conn.pdbx_ptnr3_label_asym_id 
_struct_conn.pdbx_ptnr3_label_alt_id 
_struct_conn.pdbx_ptnr3_PDB_ins_code 
_struct_conn.details 
_struct_conn.pdbx_dist_value 
_struct_conn.pdbx_value_order 
_struct_conn.pdbx_role 
covale1 covale both ? A ARG 37 C ? ? ? 1_555 A NH2 38 N ? ? A ARG 37 A NH2 38 1_555 ? ? ? ? ? ? ? 1.234 ? ? 
covale2 covale both ? B ARG 37 C ? ? ? 1_555 B NH2 38 N ? ? B ARG 37 B NH2 38 1_555 ? ? ? ? ? ? ? 1.238 ? ? 
# 
_struct_conn_type.id          covale 
_struct_conn_type.criteria    ? 
_struct_conn_type.reference   ? 
# 
loop_
_pdbx_modification_feature.ordinal 
_pdbx_modification_feature.label_comp_id 
_pdbx_modification_feature.label_asym_id 
_pdbx_modification_feature.label_seq_id 
_pdbx_modification_feature.label_alt_id 
_pdbx_modification_feature.modified_residue_label_comp_id 
_pdbx_modification_feature.modified_residue_label_asym_id 
_pdbx_modification_feature.modified_residue_label_seq_id 
_pdbx_modification_feature.modified_residue_label_alt_id 
_pdbx_modification_feature.auth_comp_id 
_pdbx_modification_feature.auth_asym_id 
_pdbx_modification_feature.auth_seq_id 
_pdbx_modification_feature.PDB_ins_code 
_pdbx_modification_feature.symmetry 
_pdbx_modification_feature.modified_residue_auth_comp_id 
_pdbx_modification_feature.modified_residue_auth_asym_id 
_pdbx_modification_feature.modified_residue_auth_seq_id 
_pdbx_modification_feature.modified_residue_PDB_ins_code 
_pdbx_modification_feature.modified_residue_symmetry 
_pdbx_modification_feature.comp_id_linking_atom 
_pdbx_modification_feature.modified_residue_id_linking_atom 
_pdbx_modification_feature.modified_residue_id 
_pdbx_modification_feature.ref_pcm_id 
_pdbx_modification_feature.ref_comp_id 
_pdbx_modification_feature.type 
_pdbx_modification_feature.category 
1 NH2 A 38 ? ARG A 37 ? NH2 A 38 ? 1_555 ARG A 37 ? 1_555 . . ARG 8 NH2 None 'Terminal amidation' 
2 NH2 B 38 ? ARG B 37 ? NH2 B 38 ? 1_555 ARG B 37 ? 1_555 . . ARG 8 NH2 None 'Terminal amidation' 
# 
loop_
_struct_site.id 
_struct_site.pdbx_evidence_code 
_struct_site.pdbx_auth_asym_id 
_struct_site.pdbx_auth_comp_id 
_struct_site.pdbx_auth_seq_id 
_struct_site.pdbx_auth_ins_code 
_struct_site.pdbx_num_residues 
_struct_site.details 
AC1 Software A NH2 38 ? 3 'BINDING SITE FOR RESIDUE NH2 A 38' 
AC2 Software B NH2 38 ? 2 'BINDING SITE FOR RESIDUE NH2 B 38' 
# 
loop_
_struct_site_gen.id 
_struct_site_gen.site_id 
_struct_site_gen.pdbx_num_res 
_struct_site_gen.label_comp_id 
_struct_site_gen.label_asym_id 
_struct_site_gen.label_seq_id 
_struct_site_gen.pdbx_auth_ins_code 
_struct_site_gen.auth_comp_id 
_struct_site_gen.auth_asym_id 
_struct_site_gen.auth_seq_id 
_struct_site_gen.label_atom_id 
_struct_site_gen.label_alt_id 
_struct_site_gen.symmetry 
_struct_site_gen.details 
1 AC1 3 THR A 35 ? THR A 35  . ? 1_555 ? 
2 AC1 3 ALA A 36 ? ALA A 36  . ? 1_555 ? 
3 AC1 3 ARG A 37 ? ARG A 37  . ? 1_555 ? 
4 AC2 2 ARG B 37 ? ARG B 37  . ? 1_555 ? 
5 AC2 2 HOH D .  ? HOH B 223 . ? 1_555 ? 
# 
_pdbx_entry_details.entry_id                   1WFB 
_pdbx_entry_details.compound_details           ? 
_pdbx_entry_details.source_details             ? 
_pdbx_entry_details.nonpolymer_details         ? 
_pdbx_entry_details.sequence_details           ? 
_pdbx_entry_details.has_ligand_of_interest     ? 
_pdbx_entry_details.has_protein_modification   Y 
# 
loop_
_pdbx_validate_close_contact.id 
_pdbx_validate_close_contact.PDB_model_num 
_pdbx_validate_close_contact.auth_atom_id_1 
_pdbx_validate_close_contact.auth_asym_id_1 
_pdbx_validate_close_contact.auth_comp_id_1 
_pdbx_validate_close_contact.auth_seq_id_1 
_pdbx_validate_close_contact.PDB_ins_code_1 
_pdbx_validate_close_contact.label_alt_id_1 
_pdbx_validate_close_contact.auth_atom_id_2 
_pdbx_validate_close_contact.auth_asym_id_2 
_pdbx_validate_close_contact.auth_comp_id_2 
_pdbx_validate_close_contact.auth_seq_id_2 
_pdbx_validate_close_contact.PDB_ins_code_2 
_pdbx_validate_close_contact.label_alt_id_2 
_pdbx_validate_close_contact.dist 
1 1 HZ3 B LYS 18  ? ? H1 B HOH 263 ? ? 1.32 
2 1 O   A HOH 266 ? ? H2 A HOH 320 ? ? 1.58 
# 
loop_
_chem_comp_atom.comp_id 
_chem_comp_atom.atom_id 
_chem_comp_atom.type_symbol 
_chem_comp_atom.pdbx_aromatic_flag 
_chem_comp_atom.pdbx_stereo_config 
_chem_comp_atom.pdbx_ordinal 
ALA N    N N N 1   
ALA CA   C N S 2   
ALA C    C N N 3   
ALA O    O N N 4   
ALA CB   C N N 5   
ALA OXT  O N N 6   
ALA H    H N N 7   
ALA H2   H N N 8   
ALA HA   H N N 9   
ALA HB1  H N N 10  
ALA HB2  H N N 11  
ALA HB3  H N N 12  
ALA HXT  H N N 13  
ARG N    N N N 14  
ARG CA   C N S 15  
ARG C    C N N 16  
ARG O    O N N 17  
ARG CB   C N N 18  
ARG CG   C N N 19  
ARG CD   C N N 20  
ARG NE   N N N 21  
ARG CZ   C N N 22  
ARG NH1  N N N 23  
ARG NH2  N N N 24  
ARG OXT  O N N 25  
ARG H    H N N 26  
ARG H2   H N N 27  
ARG HA   H N N 28  
ARG HB2  H N N 29  
ARG HB3  H N N 30  
ARG HG2  H N N 31  
ARG HG3  H N N 32  
ARG HD2  H N N 33  
ARG HD3  H N N 34  
ARG HE   H N N 35  
ARG HH11 H N N 36  
ARG HH12 H N N 37  
ARG HH21 H N N 38  
ARG HH22 H N N 39  
ARG HXT  H N N 40  
ASN N    N N N 41  
ASN CA   C N S 42  
ASN C    C N N 43  
ASN O    O N N 44  
ASN CB   C N N 45  
ASN CG   C N N 46  
ASN OD1  O N N 47  
ASN ND2  N N N 48  
ASN OXT  O N N 49  
ASN H    H N N 50  
ASN H2   H N N 51  
ASN HA   H N N 52  
ASN HB2  H N N 53  
ASN HB3  H N N 54  
ASN HD21 H N N 55  
ASN HD22 H N N 56  
ASN HXT  H N N 57  
ASP N    N N N 58  
ASP CA   C N S 59  
ASP C    C N N 60  
ASP O    O N N 61  
ASP CB   C N N 62  
ASP CG   C N N 63  
ASP OD1  O N N 64  
ASP OD2  O N N 65  
ASP OXT  O N N 66  
ASP H    H N N 67  
ASP H2   H N N 68  
ASP HA   H N N 69  
ASP HB2  H N N 70  
ASP HB3  H N N 71  
ASP HD2  H N N 72  
ASP HXT  H N N 73  
GLU N    N N N 74  
GLU CA   C N S 75  
GLU C    C N N 76  
GLU O    O N N 77  
GLU CB   C N N 78  
GLU CG   C N N 79  
GLU CD   C N N 80  
GLU OE1  O N N 81  
GLU OE2  O N N 82  
GLU OXT  O N N 83  
GLU H    H N N 84  
GLU H2   H N N 85  
GLU HA   H N N 86  
GLU HB2  H N N 87  
GLU HB3  H N N 88  
GLU HG2  H N N 89  
GLU HG3  H N N 90  
GLU HE2  H N N 91  
GLU HXT  H N N 92  
HOH O    O N N 93  
HOH H1   H N N 94  
HOH H2   H N N 95  
LEU N    N N N 96  
LEU CA   C N S 97  
LEU C    C N N 98  
LEU O    O N N 99  
LEU CB   C N N 100 
LEU CG   C N N 101 
LEU CD1  C N N 102 
LEU CD2  C N N 103 
LEU OXT  O N N 104 
LEU H    H N N 105 
LEU H2   H N N 106 
LEU HA   H N N 107 
LEU HB2  H N N 108 
LEU HB3  H N N 109 
LEU HG   H N N 110 
LEU HD11 H N N 111 
LEU HD12 H N N 112 
LEU HD13 H N N 113 
LEU HD21 H N N 114 
LEU HD22 H N N 115 
LEU HD23 H N N 116 
LEU HXT  H N N 117 
LYS N    N N N 118 
LYS CA   C N S 119 
LYS C    C N N 120 
LYS O    O N N 121 
LYS CB   C N N 122 
LYS CG   C N N 123 
LYS CD   C N N 124 
LYS CE   C N N 125 
LYS NZ   N N N 126 
LYS OXT  O N N 127 
LYS H    H N N 128 
LYS H2   H N N 129 
LYS HA   H N N 130 
LYS HB2  H N N 131 
LYS HB3  H N N 132 
LYS HG2  H N N 133 
LYS HG3  H N N 134 
LYS HD2  H N N 135 
LYS HD3  H N N 136 
LYS HE2  H N N 137 
LYS HE3  H N N 138 
LYS HZ1  H N N 139 
LYS HZ2  H N N 140 
LYS HZ3  H N N 141 
LYS HXT  H N N 142 
NH2 N    N N N 143 
NH2 HN1  H N N 144 
NH2 HN2  H N N 145 
SER N    N N N 146 
SER CA   C N S 147 
SER C    C N N 148 
SER O    O N N 149 
SER CB   C N N 150 
SER OG   O N N 151 
SER OXT  O N N 152 
SER H    H N N 153 
SER H2   H N N 154 
SER HA   H N N 155 
SER HB2  H N N 156 
SER HB3  H N N 157 
SER HG   H N N 158 
SER HXT  H N N 159 
THR N    N N N 160 
THR CA   C N S 161 
THR C    C N N 162 
THR O    O N N 163 
THR CB   C N R 164 
THR OG1  O N N 165 
THR CG2  C N N 166 
THR OXT  O N N 167 
THR H    H N N 168 
THR H2   H N N 169 
THR HA   H N N 170 
THR HB   H N N 171 
THR HG1  H N N 172 
THR HG21 H N N 173 
THR HG22 H N N 174 
THR HG23 H N N 175 
THR HXT  H N N 176 
# 
loop_
_chem_comp_bond.comp_id 
_chem_comp_bond.atom_id_1 
_chem_comp_bond.atom_id_2 
_chem_comp_bond.value_order 
_chem_comp_bond.pdbx_aromatic_flag 
_chem_comp_bond.pdbx_stereo_config 
_chem_comp_bond.pdbx_ordinal 
ALA N   CA   sing N N 1   
ALA N   H    sing N N 2   
ALA N   H2   sing N N 3   
ALA CA  C    sing N N 4   
ALA CA  CB   sing N N 5   
ALA CA  HA   sing N N 6   
ALA C   O    doub N N 7   
ALA C   OXT  sing N N 8   
ALA CB  HB1  sing N N 9   
ALA CB  HB2  sing N N 10  
ALA CB  HB3  sing N N 11  
ALA OXT HXT  sing N N 12  
ARG N   CA   sing N N 13  
ARG N   H    sing N N 14  
ARG N   H2   sing N N 15  
ARG CA  C    sing N N 16  
ARG CA  CB   sing N N 17  
ARG CA  HA   sing N N 18  
ARG C   O    doub N N 19  
ARG C   OXT  sing N N 20  
ARG CB  CG   sing N N 21  
ARG CB  HB2  sing N N 22  
ARG CB  HB3  sing N N 23  
ARG CG  CD   sing N N 24  
ARG CG  HG2  sing N N 25  
ARG CG  HG3  sing N N 26  
ARG CD  NE   sing N N 27  
ARG CD  HD2  sing N N 28  
ARG CD  HD3  sing N N 29  
ARG NE  CZ   sing N N 30  
ARG NE  HE   sing N N 31  
ARG CZ  NH1  sing N N 32  
ARG CZ  NH2  doub N N 33  
ARG NH1 HH11 sing N N 34  
ARG NH1 HH12 sing N N 35  
ARG NH2 HH21 sing N N 36  
ARG NH2 HH22 sing N N 37  
ARG OXT HXT  sing N N 38  
ASN N   CA   sing N N 39  
ASN N   H    sing N N 40  
ASN N   H2   sing N N 41  
ASN CA  C    sing N N 42  
ASN CA  CB   sing N N 43  
ASN CA  HA   sing N N 44  
ASN C   O    doub N N 45  
ASN C   OXT  sing N N 46  
ASN CB  CG   sing N N 47  
ASN CB  HB2  sing N N 48  
ASN CB  HB3  sing N N 49  
ASN CG  OD1  doub N N 50  
ASN CG  ND2  sing N N 51  
ASN ND2 HD21 sing N N 52  
ASN ND2 HD22 sing N N 53  
ASN OXT HXT  sing N N 54  
ASP N   CA   sing N N 55  
ASP N   H    sing N N 56  
ASP N   H2   sing N N 57  
ASP CA  C    sing N N 58  
ASP CA  CB   sing N N 59  
ASP CA  HA   sing N N 60  
ASP C   O    doub N N 61  
ASP C   OXT  sing N N 62  
ASP CB  CG   sing N N 63  
ASP CB  HB2  sing N N 64  
ASP CB  HB3  sing N N 65  
ASP CG  OD1  doub N N 66  
ASP CG  OD2  sing N N 67  
ASP OD2 HD2  sing N N 68  
ASP OXT HXT  sing N N 69  
GLU N   CA   sing N N 70  
GLU N   H    sing N N 71  
GLU N   H2   sing N N 72  
GLU CA  C    sing N N 73  
GLU CA  CB   sing N N 74  
GLU CA  HA   sing N N 75  
GLU C   O    doub N N 76  
GLU C   OXT  sing N N 77  
GLU CB  CG   sing N N 78  
GLU CB  HB2  sing N N 79  
GLU CB  HB3  sing N N 80  
GLU CG  CD   sing N N 81  
GLU CG  HG2  sing N N 82  
GLU CG  HG3  sing N N 83  
GLU CD  OE1  doub N N 84  
GLU CD  OE2  sing N N 85  
GLU OE2 HE2  sing N N 86  
GLU OXT HXT  sing N N 87  
HOH O   H1   sing N N 88  
HOH O   H2   sing N N 89  
LEU N   CA   sing N N 90  
LEU N   H    sing N N 91  
LEU N   H2   sing N N 92  
LEU CA  C    sing N N 93  
LEU CA  CB   sing N N 94  
LEU CA  HA   sing N N 95  
LEU C   O    doub N N 96  
LEU C   OXT  sing N N 97  
LEU CB  CG   sing N N 98  
LEU CB  HB2  sing N N 99  
LEU CB  HB3  sing N N 100 
LEU CG  CD1  sing N N 101 
LEU CG  CD2  sing N N 102 
LEU CG  HG   sing N N 103 
LEU CD1 HD11 sing N N 104 
LEU CD1 HD12 sing N N 105 
LEU CD1 HD13 sing N N 106 
LEU CD2 HD21 sing N N 107 
LEU CD2 HD22 sing N N 108 
LEU CD2 HD23 sing N N 109 
LEU OXT HXT  sing N N 110 
LYS N   CA   sing N N 111 
LYS N   H    sing N N 112 
LYS N   H2   sing N N 113 
LYS CA  C    sing N N 114 
LYS CA  CB   sing N N 115 
LYS CA  HA   sing N N 116 
LYS C   O    doub N N 117 
LYS C   OXT  sing N N 118 
LYS CB  CG   sing N N 119 
LYS CB  HB2  sing N N 120 
LYS CB  HB3  sing N N 121 
LYS CG  CD   sing N N 122 
LYS CG  HG2  sing N N 123 
LYS CG  HG3  sing N N 124 
LYS CD  CE   sing N N 125 
LYS CD  HD2  sing N N 126 
LYS CD  HD3  sing N N 127 
LYS CE  NZ   sing N N 128 
LYS CE  HE2  sing N N 129 
LYS CE  HE3  sing N N 130 
LYS NZ  HZ1  sing N N 131 
LYS NZ  HZ2  sing N N 132 
LYS NZ  HZ3  sing N N 133 
LYS OXT HXT  sing N N 134 
NH2 N   HN1  sing N N 135 
NH2 N   HN2  sing N N 136 
SER N   CA   sing N N 137 
SER N   H    sing N N 138 
SER N   H2   sing N N 139 
SER CA  C    sing N N 140 
SER CA  CB   sing N N 141 
SER CA  HA   sing N N 142 
SER C   O    doub N N 143 
SER C   OXT  sing N N 144 
SER CB  OG   sing N N 145 
SER CB  HB2  sing N N 146 
SER CB  HB3  sing N N 147 
SER OG  HG   sing N N 148 
SER OXT HXT  sing N N 149 
THR N   CA   sing N N 150 
THR N   H    sing N N 151 
THR N   H2   sing N N 152 
THR CA  C    sing N N 153 
THR CA  CB   sing N N 154 
THR CA  HA   sing N N 155 
THR C   O    doub N N 156 
THR C   OXT  sing N N 157 
THR CB  OG1  sing N N 158 
THR CB  CG2  sing N N 159 
THR CB  HB   sing N N 160 
THR OG1 HG1  sing N N 161 
THR CG2 HG21 sing N N 162 
THR CG2 HG22 sing N N 163 
THR CG2 HG23 sing N N 164 
THR OXT HXT  sing N N 165 
# 
_atom_sites.entry_id                    1WFB 
_atom_sites.fract_transf_matrix[1][1]   -0.00680188 
_atom_sites.fract_transf_matrix[1][2]   0.00728469 
_atom_sites.fract_transf_matrix[1][3]   0.02560425 
_atom_sites.fract_transf_matrix[2][1]   -0.00736660 
_atom_sites.fract_transf_matrix[2][2]   0.02476901 
_atom_sites.fract_transf_matrix[2][3]   -0.00900402 
_atom_sites.fract_transf_matrix[3][1]   -0.04632606 
_atom_sites.fract_transf_matrix[3][2]   -0.01260998 
_atom_sites.fract_transf_matrix[3][3]   0.00321287 
_atom_sites.fract_transf_vector[1]      0.230674 
_atom_sites.fract_transf_vector[2]      0.453255 
_atom_sites.fract_transf_vector[3]      0.049683 
# 
loop_
_atom_type.symbol 
C 
H 
N 
O 
# 
loop_
_atom_site.group_PDB 
_atom_site.id 
_atom_site.type_symbol 
_atom_site.label_atom_id 
_atom_site.label_alt_id 
_atom_site.label_comp_id 
_atom_site.label_asym_id 
_atom_site.label_entity_id 
_atom_site.label_seq_id 
_atom_site.pdbx_PDB_ins_code 
_atom_site.Cartn_x 
_atom_site.Cartn_y 
_atom_site.Cartn_z 
_atom_site.occupancy 
_atom_site.B_iso_or_equiv 
_atom_site.pdbx_formal_charge 
_atom_site.auth_seq_id 
_atom_site.auth_comp_id 
_atom_site.auth_asym_id 
_atom_site.auth_atom_id 
_atom_site.pdbx_PDB_model_num 
ATOM   1   N N    . ASP A 1 1  ? -13.719 -7.386  -13.361 1.00 6.58  ? 1   ASP A N    1 
ATOM   2   C CA   . ASP A 1 1  ? -13.935 -6.261  -14.252 1.00 7.25  ? 1   ASP A CA   1 
ATOM   3   C C    . ASP A 1 1  ? -12.802 -5.270  -14.063 1.00 6.94  ? 1   ASP A C    1 
ATOM   4   O O    . ASP A 1 1  ? -12.502 -4.889  -12.928 1.00 6.83  ? 1   ASP A O    1 
ATOM   5   C CB   . ASP A 1 1  ? -15.266 -5.583  -13.958 1.00 7.56  ? 1   ASP A CB   1 
ATOM   6   C CG   . ASP A 1 1  ? -15.489 -4.276  -14.708 1.00 9.04  ? 1   ASP A CG   1 
ATOM   7   O OD1  . ASP A 1 1  ? -15.639 -4.324  -15.930 1.00 8.23  ? 1   ASP A OD1  1 
ATOM   8   O OD2  . ASP A 1 1  ? -15.502 -3.214  -14.059 1.00 8.43  ? 1   ASP A OD2  1 
ATOM   9   H H1   . ASP A 1 1  ? -13.430 -7.045  -12.423 1.00 15.00 ? 1   ASP A H1   1 
ATOM   10  H H2   . ASP A 1 1  ? -14.597 -7.930  -13.270 1.00 15.00 ? 1   ASP A H2   1 
ATOM   11  H H3   . ASP A 1 1  ? -12.974 -7.992  -13.757 1.00 15.00 ? 1   ASP A H3   1 
ATOM   12  N N    . THR A 1 2  ? -12.181 -4.807  -15.150 1.00 6.48  ? 2   THR A N    1 
ATOM   13  C CA   . THR A 1 2  ? -10.983 -3.954  -15.079 1.00 5.90  ? 2   THR A CA   1 
ATOM   14  C C    . THR A 1 2  ? -11.214 -2.657  -14.296 1.00 5.82  ? 2   THR A C    1 
ATOM   15  O O    . THR A 1 2  ? -10.509 -2.424  -13.332 1.00 6.36  ? 2   THR A O    1 
ATOM   16  C CB   . THR A 1 2  ? -10.445 -3.628  -16.477 1.00 6.66  ? 2   THR A CB   1 
ATOM   17  O OG1  . THR A 1 2  ? -10.166 -4.886  -17.071 1.00 7.24  ? 2   THR A OG1  1 
ATOM   18  C CG2  . THR A 1 2  ? -9.138  -2.801  -16.525 1.00 7.02  ? 2   THR A CG2  1 
ATOM   19  H H    . THR A 1 2  ? -12.554 -5.044  -16.023 1.00 15.00 ? 2   THR A H    1 
ATOM   20  H HG1  . THR A 1 2  ? -9.342  -5.235  -16.694 1.00 15.00 ? 2   THR A HG1  1 
ATOM   21  N N    . ALA A 1 3  ? -12.241 -1.867  -14.655 1.00 5.87  ? 3   ALA A N    1 
ATOM   22  C CA   . ALA A 1 3  ? -12.493 -0.594  -13.978 1.00 4.84  ? 3   ALA A CA   1 
ATOM   23  C C    . ALA A 1 3  ? -12.809 -0.829  -12.508 1.00 6.00  ? 3   ALA A C    1 
ATOM   24  O O    . ALA A 1 3  ? -12.276 -0.107  -11.660 1.00 5.78  ? 3   ALA A O    1 
ATOM   25  C CB   . ALA A 1 3  ? -13.660 0.128   -14.631 1.00 6.27  ? 3   ALA A CB   1 
ATOM   26  H H    . ALA A 1 3  ? -12.863 -2.160  -15.348 1.00 15.00 ? 3   ALA A H    1 
ATOM   27  N N    . SER A 1 4  ? -13.561 -1.879  -12.170 1.00 5.05  ? 4   SER A N    1 
ATOM   28  C CA   . SER A 1 4  ? -13.892 -2.188  -10.770 1.00 5.47  ? 4   SER A CA   1 
ATOM   29  C C    . SER A 1 4  ? -12.659 -2.587  -9.975  1.00 5.95  ? 4   SER A C    1 
ATOM   30  O O    . SER A 1 4  ? -12.431 -2.123  -8.847  1.00 6.91  ? 4   SER A O    1 
ATOM   31  C CB   . SER A 1 4  ? -14.913 -3.342  -10.700 1.00 5.05  ? 4   SER A CB   1 
ATOM   32  O OG   . SER A 1 4  ? -16.074 -2.893  -11.384 1.00 6.47  ? 4   SER A OG   1 
ATOM   33  H H    . SER A 1 4  ? -13.956 -2.448  -12.847 1.00 15.00 ? 4   SER A H    1 
ATOM   34  H HG   . SER A 1 4  ? -16.787 -2.886  -10.726 1.00 15.00 ? 4   SER A HG   1 
ATOM   35  N N    . ASP A 1 5  ? -11.821 -3.421  -10.565 1.00 5.06  ? 5   ASP A N    1 
ATOM   36  C CA   . ASP A 1 5  ? -10.624 -3.864  -9.908  1.00 4.57  ? 5   ASP A CA   1 
ATOM   37  C C    . ASP A 1 5  ? -9.630  -2.724  -9.822  1.00 5.41  ? 5   ASP A C    1 
ATOM   38  O O    . ASP A 1 5  ? -8.940  -2.669  -8.814  1.00 5.98  ? 5   ASP A O    1 
ATOM   39  C CB   . ASP A 1 5  ? -10.051 -5.061  -10.678 1.00 5.14  ? 5   ASP A CB   1 
ATOM   40  C CG   . ASP A 1 5  ? -10.802 -6.346  -10.408 1.00 7.45  ? 5   ASP A CG   1 
ATOM   41  O OD1  . ASP A 1 5  ? -11.727 -6.341  -9.571  1.00 7.05  ? 5   ASP A OD1  1 
ATOM   42  O OD2  . ASP A 1 5  ? -10.480 -7.356  -11.029 1.00 5.88  ? 5   ASP A OD2  1 
ATOM   43  H H    . ASP A 1 5  ? -11.985 -3.685  -11.497 1.00 15.00 ? 5   ASP A H    1 
ATOM   44  N N    . ALA A 1 6  ? -9.566  -1.811  -10.788 1.00 4.37  ? 6   ALA A N    1 
ATOM   45  C CA   . ALA A 1 6  ? -8.648  -0.681  -10.667 1.00 4.85  ? 6   ALA A CA   1 
ATOM   46  C C    . ALA A 1 6  ? -9.095  0.270   -9.554  1.00 5.02  ? 6   ALA A C    1 
ATOM   47  O O    . ALA A 1 6  ? -8.307  0.840   -8.816  1.00 5.21  ? 6   ALA A O    1 
ATOM   48  C CB   . ALA A 1 6  ? -8.593  0.085   -11.980 1.00 5.78  ? 6   ALA A CB   1 
ATOM   49  H H    . ALA A 1 6  ? -10.133 -1.878  -11.582 1.00 15.00 ? 6   ALA A H    1 
ATOM   50  N N    . ALA A 1 7  ? -10.396 0.462   -9.390  1.00 5.28  ? 7   ALA A N    1 
ATOM   51  C CA   . ALA A 1 7  ? -10.920 1.275   -8.295  1.00 4.76  ? 7   ALA A CA   1 
ATOM   52  C C    . ALA A 1 7  ? -10.646 0.610   -6.922  1.00 4.85  ? 7   ALA A C    1 
ATOM   53  O O    . ALA A 1 7  ? -10.195 1.255   -5.951  1.00 5.37  ? 7   ALA A O    1 
ATOM   54  C CB   . ALA A 1 7  ? -12.435 1.442   -8.504  1.00 4.50  ? 7   ALA A CB   1 
ATOM   55  H H    . ALA A 1 7  ? -11.026 0.127   -10.058 1.00 15.00 ? 7   ALA A H    1 
ATOM   56  N N    . ALA A 1 8  ? -10.863 -0.724  -6.832  1.00 4.38  ? 8   ALA A N    1 
ATOM   57  C CA   . ALA A 1 8  ? -10.577 -1.473  -5.604  1.00 5.58  ? 8   ALA A CA   1 
ATOM   58  C C    . ALA A 1 8  ? -9.085  -1.396  -5.295  1.00 5.30  ? 8   ALA A C    1 
ATOM   59  O O    . ALA A 1 8  ? -8.677  -1.234  -4.138  1.00 6.18  ? 8   ALA A O    1 
ATOM   60  C CB   . ALA A 1 8  ? -10.967 -2.956  -5.771  1.00 5.40  ? 8   ALA A CB   1 
ATOM   61  H H    . ALA A 1 8  ? -11.185 -1.205  -7.623  1.00 15.00 ? 8   ALA A H    1 
ATOM   62  N N    . ALA A 1 9  ? -8.207  -1.505  -6.292  1.00 4.79  ? 9   ALA A N    1 
ATOM   63  C CA   . ALA A 1 9  ? -6.774  -1.452  -6.072  1.00 4.44  ? 9   ALA A CA   1 
ATOM   64  C C    . ALA A 1 9  ? -6.337  -0.070  -5.577  1.00 4.45  ? 9   ALA A C    1 
ATOM   65  O O    . ALA A 1 9  ? -5.507  0.045   -4.654  1.00 5.83  ? 9   ALA A O    1 
ATOM   66  C CB   . ALA A 1 9  ? -6.058  -1.813  -7.389  1.00 5.20  ? 9   ALA A CB   1 
ATOM   67  H H    . ALA A 1 9  ? -8.524  -1.662  -7.207  1.00 15.00 ? 9   ALA A H    1 
ATOM   68  N N    . ALA A 1 10 ? -6.898  0.990   -6.156  1.00 4.73  ? 10  ALA A N    1 
ATOM   69  C CA   . ALA A 1 10 ? -6.647  2.361   -5.726  1.00 4.34  ? 10  ALA A CA   1 
ATOM   70  C C    . ALA A 1 10 ? -7.109  2.536   -4.282  1.00 5.52  ? 10  ALA A C    1 
ATOM   71  O O    . ALA A 1 10 ? -6.351  3.088   -3.487  1.00 5.36  ? 10  ALA A O    1 
ATOM   72  C CB   . ALA A 1 10 ? -7.421  3.342   -6.593  1.00 4.01  ? 10  ALA A CB   1 
ATOM   73  H H    . ALA A 1 10 ? -7.477  0.849   -6.938  1.00 15.00 ? 10  ALA A H    1 
ATOM   74  N N    . ALA A 1 11 ? -8.293  2.013   -3.891  1.00 5.17  ? 11  ALA A N    1 
ATOM   75  C CA   . ALA A 1 11 ? -8.746  2.178   -2.509  1.00 5.79  ? 11  ALA A CA   1 
ATOM   76  C C    . ALA A 1 11 ? -7.892  1.387   -1.508  1.00 5.86  ? 11  ALA A C    1 
ATOM   77  O O    . ALA A 1 11 ? -7.520  1.867   -0.428  1.00 5.62  ? 11  ALA A O    1 
ATOM   78  C CB   . ALA A 1 11 ? -10.196 1.731   -2.413  1.00 6.34  ? 11  ALA A CB   1 
ATOM   79  H H    . ALA A 1 11 ? -8.874  1.576   -4.551  1.00 15.00 ? 11  ALA A H    1 
ATOM   80  N N    . LEU A 1 12 ? -7.487  0.160   -1.829  1.00 5.04  ? 12  LEU A N    1 
ATOM   81  C CA   . LEU A 1 12 ? -6.586  -0.619  -0.984  1.00 5.26  ? 12  LEU A CA   1 
ATOM   82  C C    . LEU A 1 12 ? -5.220  0.066   -0.852  1.00 5.60  ? 12  LEU A C    1 
ATOM   83  O O    . LEU A 1 12 ? -4.686  0.157   0.261   1.00 5.85  ? 12  LEU A O    1 
ATOM   84  C CB   . LEU A 1 12 ? -6.395  -2.003  -1.578  1.00 6.44  ? 12  LEU A CB   1 
ATOM   85  C CG   . LEU A 1 12 ? -7.654  -2.880  -1.594  1.00 7.55  ? 12  LEU A CG   1 
ATOM   86  C CD1  . LEU A 1 12 ? -7.512  -4.084  -2.547  1.00 8.07  ? 12  LEU A CD1  1 
ATOM   87  C CD2  . LEU A 1 12 ? -7.904  -3.311  -0.150  1.00 8.85  ? 12  LEU A CD2  1 
ATOM   88  H H    . LEU A 1 12 ? -7.829  -0.243  -2.661  1.00 15.00 ? 12  LEU A H    1 
ATOM   89  N N    . THR A 1 13 ? -4.633  0.568   -1.951  1.00 5.82  ? 13  THR A N    1 
ATOM   90  C CA   . THR A 1 13 ? -3.340  1.297   -1.917  1.00 6.61  ? 13  THR A CA   1 
ATOM   91  C C    . THR A 1 13 ? -3.424  2.517   -0.992  1.00 6.44  ? 13  THR A C    1 
ATOM   92  O O    . THR A 1 13 ? -2.593  2.707   -0.104  1.00 6.72  ? 13  THR A O    1 
ATOM   93  C CB   . THR A 1 13 ? -2.974  1.753   -3.353  1.00 6.82  ? 13  THR A CB   1 
ATOM   94  O OG1  . THR A 1 13 ? -2.788  0.542   -4.093  1.00 7.02  ? 13  THR A OG1  1 
ATOM   95  C CG2  . THR A 1 13 ? -1.724  2.619   -3.439  1.00 8.05  ? 13  THR A CG2  1 
ATOM   96  H H    . THR A 1 13 ? -5.097  0.483   -2.806  1.00 15.00 ? 13  THR A H    1 
ATOM   97  H HG1  . THR A 1 13 ? -3.648  0.138   -4.241  1.00 15.00 ? 13  THR A HG1  1 
ATOM   98  N N    . ALA A 1 14 ? -4.481  3.320   -1.144  1.00 5.63  ? 14  ALA A N    1 
ATOM   99  C CA   . ALA A 1 14 ? -4.688  4.503   -0.340  1.00 5.92  ? 14  ALA A CA   1 
ATOM   100 C C    . ALA A 1 14 ? -4.881  4.103   1.105   1.00 6.44  ? 14  ALA A C    1 
ATOM   101 O O    . ALA A 1 14 ? -4.239  4.671   1.984   1.00 6.65  ? 14  ALA A O    1 
ATOM   102 C CB   . ALA A 1 14 ? -5.934  5.267   -0.778  1.00 6.31  ? 14  ALA A CB   1 
ATOM   103 H H    . ALA A 1 14 ? -5.130  3.108   -1.850  1.00 15.00 ? 14  ALA A H    1 
ATOM   104 N N    . ALA A 1 15 ? -5.735  3.120   1.403   1.00 5.30  ? 15  ALA A N    1 
ATOM   105 C CA   . ALA A 1 15 ? -5.960  2.744   2.788   1.00 5.87  ? 15  ALA A CA   1 
ATOM   106 C C    . ALA A 1 15 ? -4.685  2.237   3.480   1.00 6.18  ? 15  ALA A C    1 
ATOM   107 O O    . ALA A 1 15 ? -4.336  2.654   4.599   1.00 5.64  ? 15  ALA A O    1 
ATOM   108 C CB   . ALA A 1 15 ? -7.012  1.644   2.859   1.00 5.60  ? 15  ALA A CB   1 
ATOM   109 H H    . ALA A 1 15 ? -6.207  2.647   0.695   1.00 15.00 ? 15  ALA A H    1 
ATOM   110 N N    . ASN A 1 16 ? -3.932  1.382   2.790   1.00 4.86  ? 16  ASN A N    1 
ATOM   111 C CA   . ASN A 1 16 ? -2.731  0.847   3.404   1.00 6.28  ? 16  ASN A CA   1 
ATOM   112 C C    . ASN A 1 16 ? -1.657  1.900   3.544   1.00 5.46  ? 16  ASN A C    1 
ATOM   113 O O    . ASN A 1 16 ? -0.947  1.890   4.554   1.00 5.89  ? 16  ASN A O    1 
ATOM   114 C CB   . ASN A 1 16 ? -2.212  -0.344  2.572   1.00 6.94  ? 16  ASN A CB   1 
ATOM   115 C CG   . ASN A 1 16 ? -3.086  -1.571  2.835   1.00 9.79  ? 16  ASN A CG   1 
ATOM   116 O OD1  . ASN A 1 16 ? -3.674  -1.740  3.907   1.00 10.70 ? 16  ASN A OD1  1 
ATOM   117 N ND2  . ASN A 1 16 ? -3.258  -2.457  1.868   1.00 10.05 ? 16  ASN A ND2  1 
ATOM   118 H H    . ASN A 1 16 ? -4.181  1.177   1.866   1.00 15.00 ? 16  ASN A H    1 
ATOM   119 H HD21 . ASN A 1 16 ? -3.773  -3.262  2.039   1.00 15.00 ? 16  ASN A HD21 1 
ATOM   120 H HD22 . ASN A 1 16 ? -2.806  -2.289  1.011   1.00 15.00 ? 16  ASN A HD22 1 
ATOM   121 N N    . ALA A 1 17 ? -1.520  2.807   2.575   1.00 5.43  ? 17  ALA A N    1 
ATOM   122 C CA   . ALA A 1 17 ? -0.506  3.858   2.668   1.00 5.71  ? 17  ALA A CA   1 
ATOM   123 C C    . ALA A 1 17 ? -0.815  4.812   3.837   1.00 6.01  ? 17  ALA A C    1 
ATOM   124 O O    . ALA A 1 17 ? 0.066   5.122   4.644   1.00 5.45  ? 17  ALA A O    1 
ATOM   125 C CB   . ALA A 1 17 ? -0.443  4.652   1.372   1.00 5.12  ? 17  ALA A CB   1 
ATOM   126 H H    . ALA A 1 17 ? -2.093  2.781   1.781   1.00 15.00 ? 17  ALA A H    1 
ATOM   127 N N    . LYS A 1 18 ? -2.095  5.207   3.976   1.00 5.55  ? 18  LYS A N    1 
ATOM   128 C CA   . LYS A 1 18 ? -2.523  6.113   5.016   1.00 5.05  ? 18  LYS A CA   1 
ATOM   129 C C    . LYS A 1 18 ? -2.330  5.423   6.348   1.00 5.43  ? 18  LYS A C    1 
ATOM   130 O O    . LYS A 1 18 ? -1.734  5.999   7.283   1.00 6.27  ? 18  LYS A O    1 
ATOM   131 C CB   . LYS A 1 18 ? -4.005  6.488   4.808   1.00 5.77  ? 18  LYS A CB   1 
ATOM   132 C CG   . LYS A 1 18 ? -4.367  7.683   5.652   1.00 8.08  ? 18  LYS A CG   1 
ATOM   133 C CD   . LYS A 1 18 ? -5.649  8.370   5.240   1.00 8.28  ? 18  LYS A CD   1 
ATOM   134 C CE   . LYS A 1 18 ? -5.931  9.597   6.132   1.00 10.69 ? 18  LYS A CE   1 
ATOM   135 N NZ   . LYS A 1 18 ? -7.064  10.369  5.651   1.00 9.13  ? 18  LYS A NZ   1 
ATOM   136 H H    . LYS A 1 18 ? -2.761  4.873   3.337   1.00 15.00 ? 18  LYS A H    1 
ATOM   137 H HZ1  . LYS A 1 18 ? -6.892  10.688  4.678   1.00 15.00 ? 18  LYS A HZ1  1 
ATOM   138 H HZ2  . LYS A 1 18 ? -7.929  9.796   5.680   1.00 15.00 ? 18  LYS A HZ2  1 
ATOM   139 H HZ3  . LYS A 1 18 ? -7.208  11.207  6.249   1.00 15.00 ? 18  LYS A HZ3  1 
ATOM   140 N N    . ALA A 1 19 ? -2.761  4.159   6.456   1.00 5.21  ? 19  ALA A N    1 
ATOM   141 C CA   . ALA A 1 19 ? -2.614  3.460   7.737   1.00 6.05  ? 19  ALA A CA   1 
ATOM   142 C C    . ALA A 1 19 ? -1.146  3.307   8.091   1.00 6.41  ? 19  ALA A C    1 
ATOM   143 O O    . ALA A 1 19 ? -0.770  3.481   9.256   1.00 6.25  ? 19  ALA A O    1 
ATOM   144 C CB   . ALA A 1 19 ? -3.235  2.072   7.684   1.00 6.44  ? 19  ALA A CB   1 
ATOM   145 H H    . ALA A 1 19 ? -3.159  3.698   5.692   1.00 15.00 ? 19  ALA A H    1 
ATOM   146 N N    . ALA A 1 20 ? -0.285  3.002   7.113   1.00 5.88  ? 20  ALA A N    1 
ATOM   147 C CA   . ALA A 1 20 ? 1.123   2.853   7.395   1.00 5.21  ? 20  ALA A CA   1 
ATOM   148 C C    . ALA A 1 20 ? 1.657   4.153   7.986   1.00 4.84  ? 20  ALA A C    1 
ATOM   149 O O    . ALA A 1 20 ? 2.389   4.092   8.995   1.00 5.66  ? 20  ALA A O    1 
ATOM   150 C CB   . ALA A 1 20 ? 1.902   2.551   6.114   1.00 5.30  ? 20  ALA A CB   1 
ATOM   151 H H    . ALA A 1 20 ? -0.603  2.923   6.191   1.00 15.00 ? 20  ALA A H    1 
ATOM   152 N N    . ALA A 1 21 ? 1.294   5.323   7.472   1.00 5.07  ? 21  ALA A N    1 
ATOM   153 C CA   . ALA A 1 21 ? 1.815   6.566   8.046   1.00 4.53  ? 21  ALA A CA   1 
ATOM   154 C C    . ALA A 1 21 ? 1.261   6.777   9.451   1.00 4.75  ? 21  ALA A C    1 
ATOM   155 O O    . ALA A 1 21 ? 2.003   7.073   10.391  1.00 5.08  ? 21  ALA A O    1 
ATOM   156 C CB   . ALA A 1 21 ? 1.430   7.765   7.194   1.00 4.87  ? 21  ALA A CB   1 
ATOM   157 H H    . ALA A 1 21 ? 0.691   5.354   6.695   1.00 15.00 ? 21  ALA A H    1 
ATOM   158 N N    . GLU A 1 22 ? -0.039  6.535   9.636   1.00 4.77  ? 22  GLU A N    1 
ATOM   159 C CA   . GLU A 1 22 ? -0.654  6.788   10.942  1.00 5.51  ? 22  GLU A CA   1 
ATOM   160 C C    . GLU A 1 22 ? -0.073  5.879   12.009  1.00 5.32  ? 22  GLU A C    1 
ATOM   161 O O    . GLU A 1 22 ? 0.195   6.322   13.125  1.00 5.50  ? 22  GLU A O    1 
ATOM   162 C CB   . GLU A 1 22 ? -2.177  6.547   10.913  1.00 5.50  ? 22  GLU A CB   1 
ATOM   163 C CG   . GLU A 1 22 ? -2.823  7.593   10.009  1.00 7.15  ? 22  GLU A CG   1 
ATOM   164 C CD   . GLU A 1 22 ? -4.193  7.249   9.443   1.00 8.10  ? 22  GLU A CD   1 
ATOM   165 O OE1  . GLU A 1 22 ? -4.536  6.072   9.305   1.00 8.48  ? 22  GLU A OE1  1 
ATOM   166 O OE2  . GLU A 1 22 ? -4.895  8.207   9.121   1.00 10.80 ? 22  GLU A OE2  1 
ATOM   167 H H    . GLU A 1 22 ? -0.582  6.258   8.867   1.00 15.00 ? 22  GLU A H    1 
ATOM   168 N N    . LEU A 1 23 ? 0.128   4.592   11.715  1.00 5.57  ? 23  LEU A N    1 
ATOM   169 C CA   . LEU A 1 23 ? 0.606   3.675   12.746  1.00 5.45  ? 23  LEU A CA   1 
ATOM   170 C C    . LEU A 1 23 ? 2.083   3.937   12.944  1.00 5.26  ? 23  LEU A C    1 
ATOM   171 O O    . LEU A 1 23 ? 2.541   3.825   14.095  1.00 4.61  ? 23  LEU A O    1 
ATOM   172 C CB   . LEU A 1 23 ? 0.376   2.217   12.339  1.00 5.82  ? 23  LEU A CB   1 
ATOM   173 C CG   . LEU A 1 23 ? -1.098  1.813   12.095  1.00 8.88  ? 23  LEU A CG   1 
ATOM   174 C CD1  . LEU A 1 23 ? -1.159  0.388   11.540  1.00 8.97  ? 23  LEU A CD1  1 
ATOM   175 C CD2  . LEU A 1 23 ? -1.901  1.870   13.380  1.00 8.86  ? 23  LEU A CD2  1 
ATOM   176 H H    . LEU A 1 23 ? -0.049  4.289   10.800  1.00 15.00 ? 23  LEU A H    1 
ATOM   177 N N    . THR A 1 24 ? 2.836   4.285   11.882  1.00 4.14  ? 24  THR A N    1 
ATOM   178 C CA   . THR A 1 24 ? 4.278   4.620   12.077  1.00 4.78  ? 24  THR A CA   1 
ATOM   179 C C    . THR A 1 24 ? 4.438   5.792   13.055  1.00 4.93  ? 24  THR A C    1 
ATOM   180 O O    . THR A 1 24 ? 5.178   5.695   14.049  1.00 5.16  ? 24  THR A O    1 
ATOM   181 C CB   . THR A 1 24 ? 4.939   4.961   10.733  1.00 4.72  ? 24  THR A CB   1 
ATOM   182 O OG1  . THR A 1 24 ? 4.915   3.777   9.952   1.00 4.60  ? 24  THR A OG1  1 
ATOM   183 C CG2  . THR A 1 24 ? 6.395   5.373   10.876  1.00 5.07  ? 24  THR A CG2  1 
ATOM   184 H H    . THR A 1 24 ? 2.431   4.366   10.991  1.00 15.00 ? 24  THR A H    1 
ATOM   185 H HG1  . THR A 1 24 ? 4.039   3.694   9.575   1.00 15.00 ? 24  THR A HG1  1 
ATOM   186 N N    . ALA A 1 25 ? 3.635   6.850   12.827  1.00 4.26  ? 25  ALA A N    1 
ATOM   187 C CA   . ALA A 1 25 ? 3.676   8.012   13.706  1.00 5.42  ? 25  ALA A CA   1 
ATOM   188 C C    . ALA A 1 25 ? 3.172   7.671   15.123  1.00 5.93  ? 25  ALA A C    1 
ATOM   189 O O    . ALA A 1 25 ? 3.818   7.990   16.132  1.00 5.77  ? 25  ALA A O    1 
ATOM   190 C CB   . ALA A 1 25 ? 2.814   9.105   13.103  1.00 5.66  ? 25  ALA A CB   1 
ATOM   191 H H    . ALA A 1 25 ? 3.012   6.857   12.069  1.00 15.00 ? 25  ALA A H    1 
ATOM   192 N N    . ALA A 1 26 ? 2.086   6.930   15.277  1.00 4.66  ? 26  ALA A N    1 
ATOM   193 C CA   . ALA A 1 26 ? 1.598   6.615   16.617  1.00 5.10  ? 26  ALA A CA   1 
ATOM   194 C C    . ALA A 1 26 ? 2.581   5.741   17.400  1.00 4.77  ? 26  ALA A C    1 
ATOM   195 O O    . ALA A 1 26 ? 2.863   5.954   18.594  1.00 5.13  ? 26  ALA A O    1 
ATOM   196 C CB   . ALA A 1 26 ? 0.289   5.864   16.533  1.00 6.04  ? 26  ALA A CB   1 
ATOM   197 H H    . ALA A 1 26 ? 1.567   6.656   14.495  1.00 15.00 ? 26  ALA A H    1 
ATOM   198 N N    . ASN A 1 27 ? 3.158   4.747   16.696  1.00 4.88  ? 27  ASN A N    1 
ATOM   199 C CA   . ASN A 1 27 ? 4.132   3.838   17.303  1.00 5.17  ? 27  ASN A CA   1 
ATOM   200 C C    . ASN A 1 27 ? 5.424   4.517   17.716  1.00 6.20  ? 27  ASN A C    1 
ATOM   201 O O    . ASN A 1 27 ? 5.938   4.238   18.800  1.00 6.51  ? 27  ASN A O    1 
ATOM   202 C CB   . ASN A 1 27 ? 4.509   2.698   16.378  1.00 4.89  ? 27  ASN A CB   1 
ATOM   203 C CG   . ASN A 1 27 ? 3.358   1.736   16.226  1.00 6.88  ? 27  ASN A CG   1 
ATOM   204 O OD1  . ASN A 1 27 ? 2.440   1.725   17.059  1.00 7.25  ? 27  ASN A OD1  1 
ATOM   205 N ND2  . ASN A 1 27 ? 3.329   0.923   15.182  1.00 6.32  ? 27  ASN A ND2  1 
ATOM   206 H H    . ASN A 1 27 ? 2.923   4.647   15.752  1.00 15.00 ? 27  ASN A H    1 
ATOM   207 H HD21 . ASN A 1 27 ? 2.572   0.305   15.160  1.00 15.00 ? 27  ASN A HD21 1 
ATOM   208 H HD22 . ASN A 1 27 ? 4.049   0.961   14.514  1.00 15.00 ? 27  ASN A HD22 1 
ATOM   209 N N    . ALA A 1 28 ? 5.937   5.409   16.871  1.00 7.30  ? 28  ALA A N    1 
ATOM   210 C CA   . ALA A 1 28 ? 7.137   6.176   17.177  1.00 6.94  ? 28  ALA A CA   1 
ATOM   211 C C    . ALA A 1 28 ? 6.839   7.050   18.404  1.00 6.83  ? 28  ALA A C    1 
ATOM   212 O O    . ALA A 1 28 ? 7.622   7.051   19.361  1.00 7.62  ? 28  ALA A O    1 
ATOM   213 C CB   . ALA A 1 28 ? 7.483   7.076   16.006  1.00 6.99  ? 28  ALA A CB   1 
ATOM   214 H H    . ALA A 1 28 ? 5.498   5.558   16.002  1.00 15.00 ? 28  ALA A H    1 
ATOM   215 N N    . ALA A 1 29 ? 5.687   7.721   18.457  1.00 6.03  ? 29  ALA A N    1 
ATOM   216 C CA   . ALA A 1 29 ? 5.361   8.594   19.602  1.00 5.65  ? 29  ALA A CA   1 
ATOM   217 C C    . ALA A 1 29 ? 5.258   7.789   20.893  1.00 5.86  ? 29  ALA A C    1 
ATOM   218 O O    . ALA A 1 29 ? 5.846   8.113   21.929  1.00 5.76  ? 29  ALA A O    1 
ATOM   219 C CB   . ALA A 1 29 ? 4.020   9.292   19.387  1.00 6.19  ? 29  ALA A CB   1 
ATOM   220 H H    . ALA A 1 29 ? 5.080   7.677   17.690  1.00 15.00 ? 29  ALA A H    1 
ATOM   221 N N    . ALA A 1 30 ? 4.528   6.662   20.843  1.00 5.85  ? 30  ALA A N    1 
ATOM   222 C CA   . ALA A 1 30 ? 4.331   5.844   22.038  1.00 5.68  ? 30  ALA A CA   1 
ATOM   223 C C    . ALA A 1 30 ? 5.637   5.217   22.488  1.00 6.36  ? 30  ALA A C    1 
ATOM   224 O O    . ALA A 1 30 ? 5.944   5.160   23.681  1.00 6.44  ? 30  ALA A O    1 
ATOM   225 C CB   . ALA A 1 30 ? 3.350   4.704   21.773  1.00 6.17  ? 30  ALA A CB   1 
ATOM   226 H H    . ALA A 1 30 ? 4.135   6.388   19.991  1.00 15.00 ? 30  ALA A H    1 
ATOM   227 N N    . ALA A 1 31 ? 6.478   4.754   21.558  1.00 5.95  ? 31  ALA A N    1 
ATOM   228 C CA   . ALA A 1 31 ? 7.731   4.130   21.941  1.00 4.67  ? 31  ALA A CA   1 
ATOM   229 C C    . ALA A 1 31 ? 8.716   5.120   22.542  1.00 4.74  ? 31  ALA A C    1 
ATOM   230 O O    . ALA A 1 31 ? 9.386   4.789   23.525  1.00 4.69  ? 31  ALA A O    1 
ATOM   231 C CB   . ALA A 1 31 ? 8.385   3.493   20.733  1.00 6.06  ? 31  ALA A CB   1 
ATOM   232 H H    . ALA A 1 31 ? 6.253   4.875   20.610  1.00 15.00 ? 31  ALA A H    1 
ATOM   233 N N    . ALA A 1 32 ? 8.836   6.306   21.967  1.00 4.48  ? 32  ALA A N    1 
ATOM   234 C CA   . ALA A 1 32 ? 9.710   7.357   22.499  1.00 4.68  ? 32  ALA A CA   1 
ATOM   235 C C    . ALA A 1 32 ? 9.248   7.746   23.917  1.00 5.21  ? 32  ALA A C    1 
ATOM   236 O O    . ALA A 1 32 ? 10.049  7.760   24.866  1.00 6.55  ? 32  ALA A O    1 
ATOM   237 C CB   . ALA A 1 32 ? 9.630   8.583   21.582  1.00 5.01  ? 32  ALA A CB   1 
ATOM   238 H H    . ALA A 1 32 ? 8.303   6.516   21.173  1.00 15.00 ? 32  ALA A H    1 
ATOM   239 N N    . ALA A 1 33 ? 7.932   7.907   24.099  1.00 5.41  ? 33  ALA A N    1 
ATOM   240 C CA   . ALA A 1 33 ? 7.354   8.265   25.385  1.00 6.17  ? 33  ALA A CA   1 
ATOM   241 C C    . ALA A 1 33 ? 7.616   7.176   26.421  1.00 6.21  ? 33  ALA A C    1 
ATOM   242 O O    . ALA A 1 33 ? 8.016   7.469   27.547  1.00 5.73  ? 33  ALA A O    1 
ATOM   243 C CB   . ALA A 1 33 ? 5.834   8.458   25.263  1.00 6.41  ? 33  ALA A CB   1 
ATOM   244 H H    . ALA A 1 33 ? 7.333   7.828   23.319  1.00 15.00 ? 33  ALA A H    1 
ATOM   245 N N    . ALA A 1 34 ? 7.420   5.881   26.070  1.00 6.13  ? 34  ALA A N    1 
ATOM   246 C CA   . ALA A 1 34 ? 7.652   4.785   27.020  1.00 5.81  ? 34  ALA A CA   1 
ATOM   247 C C    . ALA A 1 34 ? 9.143   4.710   27.381  1.00 6.16  ? 34  ALA A C    1 
ATOM   248 O O    . ALA A 1 34 ? 9.500   4.605   28.566  1.00 6.13  ? 34  ALA A O    1 
ATOM   249 C CB   . ALA A 1 34 ? 7.221   3.455   26.389  1.00 5.50  ? 34  ALA A CB   1 
ATOM   250 H H    . ALA A 1 34 ? 7.051   5.679   25.189  1.00 15.00 ? 34  ALA A H    1 
ATOM   251 N N    . THR A 1 35 ? 10.007  4.794   26.345  1.00 5.52  ? 35  THR A N    1 
ATOM   252 C CA   . THR A 1 35 ? 11.441  4.760   26.557  1.00 5.98  ? 35  THR A CA   1 
ATOM   253 C C    . THR A 1 35 ? 11.936  5.902   27.453  1.00 5.73  ? 35  THR A C    1 
ATOM   254 O O    . THR A 1 35 ? 12.885  5.703   28.217  1.00 4.97  ? 35  THR A O    1 
ATOM   255 C CB   . THR A 1 35 ? 12.150  4.817   25.189  1.00 6.31  ? 35  THR A CB   1 
ATOM   256 O OG1  . THR A 1 35 ? 11.797  3.594   24.525  1.00 6.15  ? 35  THR A OG1  1 
ATOM   257 C CG2  . THR A 1 35 ? 13.674  4.962   25.314  1.00 6.93  ? 35  THR A CG2  1 
ATOM   258 H H    . THR A 1 35 ? 9.671   4.966   25.446  1.00 15.00 ? 35  THR A H    1 
ATOM   259 H HG1  . THR A 1 35 ? 10.903  3.733   24.195  1.00 15.00 ? 35  THR A HG1  1 
ATOM   260 N N    . ALA A 1 36 ? 11.332  7.092   27.356  1.00 6.40  ? 36  ALA A N    1 
ATOM   261 C CA   . ALA A 1 36 ? 11.761  8.235   28.170  1.00 6.45  ? 36  ALA A CA   1 
ATOM   262 C C    . ALA A 1 36 ? 11.596  8.002   29.675  1.00 6.92  ? 36  ALA A C    1 
ATOM   263 O O    . ALA A 1 36 ? 12.176  8.755   30.466  1.00 7.27  ? 36  ALA A O    1 
ATOM   264 C CB   . ALA A 1 36 ? 10.952  9.458   27.767  1.00 6.86  ? 36  ALA A CB   1 
ATOM   265 H H    . ALA A 1 36 ? 10.583  7.213   26.729  1.00 15.00 ? 36  ALA A H    1 
ATOM   266 N N    . ARG A 1 37 ? 10.767  7.031   30.094  1.00 6.05  ? 37  ARG A N    1 
ATOM   267 C CA   . ARG A 1 37 ? 10.622  6.732   31.526  1.00 6.93  ? 37  ARG A CA   1 
ATOM   268 C C    . ARG A 1 37 ? 11.747  5.846   32.056  1.00 7.24  ? 37  ARG A C    1 
ATOM   269 O O    . ARG A 1 37 ? 11.808  5.667   33.278  1.00 9.40  ? 37  ARG A O    1 
ATOM   270 C CB   . ARG A 1 37 ? 9.268   6.038   31.855  1.00 4.83  ? 37  ARG A CB   1 
ATOM   271 C CG   . ARG A 1 37 ? 8.090   7.006   32.018  1.00 4.54  ? 37  ARG A CG   1 
ATOM   272 C CD   . ARG A 1 37 ? 7.681   7.681   30.688  1.00 5.42  ? 37  ARG A CD   1 
ATOM   273 N NE   . ARG A 1 37 ? 7.009   8.935   30.978  1.00 4.82  ? 37  ARG A NE   1 
ATOM   274 C CZ   . ARG A 1 37 ? 7.032   10.001  30.173  1.00 5.03  ? 37  ARG A CZ   1 
ATOM   275 N NH1  . ARG A 1 37 ? 7.558   9.926   28.942  1.00 5.67  ? 37  ARG A NH1  1 
ATOM   276 N NH2  . ARG A 1 37 ? 6.426   11.133  30.550  1.00 4.49  ? 37  ARG A NH2  1 
ATOM   277 H H    . ARG A 1 37 ? 10.327  6.467   29.425  1.00 15.00 ? 37  ARG A H    1 
ATOM   278 H HE   . ARG A 1 37 ? 6.459   8.969   31.784  1.00 15.00 ? 37  ARG A HE   1 
ATOM   279 H HH11 . ARG A 1 37 ? 7.922   9.062   28.600  1.00 15.00 ? 37  ARG A HH11 1 
ATOM   280 H HH12 . ARG A 1 37 ? 7.524   10.727  28.347  1.00 15.00 ? 37  ARG A HH12 1 
ATOM   281 H HH21 . ARG A 1 37 ? 5.966   11.174  31.436  1.00 15.00 ? 37  ARG A HH21 1 
ATOM   282 H HH22 . ARG A 1 37 ? 6.404   11.922  29.943  1.00 15.00 ? 37  ARG A HH22 1 
HETATM 283 N N    . NH2 A 1 38 ? 12.556  5.335   31.277  1.00 9.17  ? 38  NH2 A N    1 
ATOM   284 N N    . ASP B 1 1  ? 13.013  12.446  11.332  1.00 8.88  ? 1   ASP B N    1 
ATOM   285 C CA   . ASP B 1 1  ? 12.061  12.571  12.437  1.00 8.49  ? 1   ASP B CA   1 
ATOM   286 C C    . ASP B 1 1  ? 10.806  11.750  12.161  1.00 8.30  ? 1   ASP B C    1 
ATOM   287 O O    . ASP B 1 1  ? 10.721  11.176  11.069  1.00 7.96  ? 1   ASP B O    1 
ATOM   288 C CB   . ASP B 1 1  ? 11.740  14.057  12.637  1.00 8.82  ? 1   ASP B CB   1 
ATOM   289 C CG   . ASP B 1 1  ? 11.212  14.844  11.454  1.00 9.36  ? 1   ASP B CG   1 
ATOM   290 O OD1  . ASP B 1 1  ? 10.867  14.259  10.426  1.00 7.97  ? 1   ASP B OD1  1 
ATOM   291 O OD2  . ASP B 1 1  ? 11.173  16.078  11.574  1.00 10.10 ? 1   ASP B OD2  1 
ATOM   292 H H1   . ASP B 1 1  ? 12.506  12.472  10.427  1.00 15.00 ? 1   ASP B H1   1 
ATOM   293 H H2   . ASP B 1 1  ? 13.690  13.234  11.377  1.00 15.00 ? 1   ASP B H2   1 
ATOM   294 H H3   . ASP B 1 1  ? 13.512  11.541  11.443  1.00 15.00 ? 1   ASP B H3   1 
ATOM   295 N N    . THR B 1 2  ? 9.779   11.731  13.040  1.00 7.60  ? 2   THR B N    1 
ATOM   296 C CA   . THR B 1 2  ? 8.623   10.895  12.787  1.00 7.33  ? 2   THR B CA   1 
ATOM   297 C C    . THR B 1 2  ? 7.836   11.331  11.555  1.00 6.34  ? 2   THR B C    1 
ATOM   298 O O    . THR B 1 2  ? 7.384   10.438  10.841  1.00 5.27  ? 2   THR B O    1 
ATOM   299 C CB   . THR B 1 2  ? 7.746   10.931  14.052  1.00 9.45  ? 2   THR B CB   1 
ATOM   300 O OG1  . THR B 1 2  ? 8.617   10.489  15.084  1.00 12.88 ? 2   THR B OG1  1 
ATOM   301 C CG2  . THR B 1 2  ? 6.540   10.029  13.994  1.00 10.25 ? 2   THR B CG2  1 
ATOM   302 H H    . THR B 1 2  ? 9.805   12.206  13.891  1.00 15.00 ? 2   THR B H    1 
ATOM   303 H HG1  . THR B 1 2  ? 8.147   10.248  15.893  1.00 15.00 ? 2   THR B HG1  1 
ATOM   304 N N    . ALA B 1 3  ? 7.786   12.615  11.189  1.00 6.09  ? 3   ALA B N    1 
ATOM   305 C CA   . ALA B 1 3  ? 7.071   13.049  9.993   1.00 6.48  ? 3   ALA B CA   1 
ATOM   306 C C    . ALA B 1 3  ? 7.712   12.464  8.741   1.00 6.99  ? 3   ALA B C    1 
ATOM   307 O O    . ALA B 1 3  ? 6.984   11.960  7.894   1.00 6.88  ? 3   ALA B O    1 
ATOM   308 C CB   . ALA B 1 3  ? 7.075   14.560  9.818   1.00 7.00  ? 3   ALA B CB   1 
ATOM   309 H H    . ALA B 1 3  ? 8.249   13.283  11.730  1.00 15.00 ? 3   ALA B H    1 
ATOM   310 N N    . SER B 1 4  ? 9.049   12.463  8.632   1.00 6.39  ? 4   SER B N    1 
ATOM   311 C CA   . SER B 1 4  ? 9.725   11.848  7.485   1.00 6.73  ? 4   SER B CA   1 
ATOM   312 C C    . SER B 1 4  ? 9.585   10.338  7.478   1.00 6.20  ? 4   SER B C    1 
ATOM   313 O O    . SER B 1 4  ? 9.400   9.700   6.434   1.00 7.28  ? 4   SER B O    1 
ATOM   314 C CB   . SER B 1 4  ? 11.198  12.161  7.523   1.00 8.92  ? 4   SER B CB   1 
ATOM   315 O OG   . SER B 1 4  ? 11.422  13.485  7.136   1.00 16.01 ? 4   SER B OG   1 
ATOM   316 H H    . SER B 1 4  ? 9.600   12.913  9.295   1.00 15.00 ? 4   SER B H    1 
ATOM   317 H HG   . SER B 1 4  ? 10.970  14.080  7.734   1.00 15.00 ? 4   SER B HG   1 
ATOM   318 N N    . ASP B 1 5  ? 9.706   9.727   8.664   1.00 6.42  ? 5   ASP B N    1 
ATOM   319 C CA   . ASP B 1 5  ? 9.550   8.285   8.754   1.00 5.69  ? 5   ASP B CA   1 
ATOM   320 C C    . ASP B 1 5  ? 8.140   7.871   8.373   1.00 5.28  ? 5   ASP B C    1 
ATOM   321 O O    . ASP B 1 5  ? 7.969   6.880   7.666   1.00 5.68  ? 5   ASP B O    1 
ATOM   322 C CB   . ASP B 1 5  ? 9.853   7.824   10.161  1.00 6.15  ? 5   ASP B CB   1 
ATOM   323 C CG   . ASP B 1 5  ? 11.330  7.756   10.506  1.00 8.01  ? 5   ASP B CG   1 
ATOM   324 O OD1  . ASP B 1 5  ? 12.167  8.022   9.638   1.00 8.89  ? 5   ASP B OD1  1 
ATOM   325 O OD2  . ASP B 1 5  ? 11.644  7.420   11.657  1.00 6.98  ? 5   ASP B OD2  1 
ATOM   326 H H    . ASP B 1 5  ? 9.888   10.227  9.486   1.00 15.00 ? 5   ASP B H    1 
ATOM   327 N N    . ALA B 1 6  ? 7.122   8.595   8.800   1.00 5.10  ? 6   ALA B N    1 
ATOM   328 C CA   . ALA B 1 6  ? 5.751   8.231   8.463   1.00 5.35  ? 6   ALA B CA   1 
ATOM   329 C C    . ALA B 1 6  ? 5.468   8.403   6.961   1.00 5.86  ? 6   ALA B C    1 
ATOM   330 O O    . ALA B 1 6  ? 4.787   7.574   6.328   1.00 6.27  ? 6   ALA B O    1 
ATOM   331 C CB   . ALA B 1 6  ? 4.769   9.097   9.264   1.00 5.07  ? 6   ALA B CB   1 
ATOM   332 H H    . ALA B 1 6  ? 7.290   9.356   9.372   1.00 15.00 ? 6   ALA B H    1 
ATOM   333 N N    . ALA B 1 7  ? 6.076   9.426   6.359   1.00 5.19  ? 7   ALA B N    1 
ATOM   334 C CA   . ALA B 1 7  ? 5.970   9.678   4.922   1.00 5.64  ? 7   ALA B CA   1 
ATOM   335 C C    . ALA B 1 7  ? 6.645   8.548   4.173   1.00 6.09  ? 7   ALA B C    1 
ATOM   336 O O    . ALA B 1 7  ? 6.087   8.027   3.201   1.00 6.40  ? 7   ALA B O    1 
ATOM   337 C CB   . ALA B 1 7  ? 6.677   10.971  4.537   1.00 5.88  ? 7   ALA B CB   1 
ATOM   338 H H    . ALA B 1 7  ? 6.585   10.075  6.891   1.00 15.00 ? 7   ALA B H    1 
ATOM   339 N N    . ALA B 1 8  ? 7.839   8.116   4.593   1.00 5.63  ? 8   ALA B N    1 
ATOM   340 C CA   . ALA B 1 8  ? 8.507   7.022   3.901   1.00 6.25  ? 8   ALA B CA   1 
ATOM   341 C C    . ALA B 1 8  ? 7.723   5.725   4.067   1.00 6.27  ? 8   ALA B C    1 
ATOM   342 O O    . ALA B 1 8  ? 7.630   4.939   3.114   1.00 5.85  ? 8   ALA B O    1 
ATOM   343 C CB   . ALA B 1 8  ? 9.904   6.817   4.445   1.00 7.03  ? 8   ALA B CB   1 
ATOM   344 H H    . ALA B 1 8  ? 8.300   8.569   5.329   1.00 15.00 ? 8   ALA B H    1 
ATOM   345 N N    . ALA B 1 9  ? 7.116   5.474   5.253   1.00 5.42  ? 9   ALA B N    1 
ATOM   346 C CA   . ALA B 1 9  ? 6.307   4.276   5.419   1.00 5.60  ? 9   ALA B CA   1 
ATOM   347 C C    . ALA B 1 9  ? 5.108   4.280   4.464   1.00 5.66  ? 9   ALA B C    1 
ATOM   348 O O    . ALA B 1 9  ? 4.828   3.266   3.782   1.00 6.14  ? 9   ALA B O    1 
ATOM   349 C CB   . ALA B 1 9  ? 5.789   4.201   6.842   1.00 5.67  ? 9   ALA B CB   1 
ATOM   350 H H    . ALA B 1 9  ? 7.250   6.101   5.999   1.00 15.00 ? 9   ALA B H    1 
ATOM   351 N N    . ALA B 1 10 ? 4.419   5.413   4.329   1.00 4.86  ? 10  ALA B N    1 
ATOM   352 C CA   . ALA B 1 10 ? 3.314   5.539   3.399   1.00 4.38  ? 10  ALA B CA   1 
ATOM   353 C C    . ALA B 1 10 ? 3.719   5.300   1.941   1.00 5.27  ? 10  ALA B C    1 
ATOM   354 O O    . ALA B 1 10 ? 3.052   4.581   1.184   1.00 6.18  ? 10  ALA B O    1 
ATOM   355 C CB   . ALA B 1 10 ? 2.741   6.927   3.494   1.00 5.75  ? 10  ALA B CB   1 
ATOM   356 H H    . ALA B 1 10 ? 4.711   6.206   4.837   1.00 15.00 ? 10  ALA B H    1 
ATOM   357 N N    . ALA B 1 11 ? 4.828   5.928   1.541   1.00 5.32  ? 11  ALA B N    1 
ATOM   358 C CA   . ALA B 1 11 ? 5.311   5.842   0.169   1.00 5.71  ? 11  ALA B CA   1 
ATOM   359 C C    . ALA B 1 11 ? 5.760   4.444   -0.161  1.00 6.20  ? 11  ALA B C    1 
ATOM   360 O O    . ALA B 1 11 ? 5.398   3.931   -1.230  1.00 6.47  ? 11  ALA B O    1 
ATOM   361 C CB   . ALA B 1 11 ? 6.472   6.793   -0.037  1.00 5.37  ? 11  ALA B CB   1 
ATOM   362 H H    . ALA B 1 11 ? 5.300   6.514   2.173   1.00 15.00 ? 11  ALA B H    1 
ATOM   363 N N    . LEU B 1 12 ? 6.484   3.762   0.740   1.00 4.56  ? 12  LEU B N    1 
ATOM   364 C CA   . LEU B 1 12 ? 6.904   2.394   0.464   1.00 5.34  ? 12  LEU B CA   1 
ATOM   365 C C    . LEU B 1 12 ? 5.698   1.451   0.421   1.00 5.99  ? 12  LEU B C    1 
ATOM   366 O O    . LEU B 1 12 ? 5.593   0.591   -0.457  1.00 5.86  ? 12  LEU B O    1 
ATOM   367 C CB   . LEU B 1 12 ? 7.905   1.900   1.535   1.00 7.01  ? 12  LEU B CB   1 
ATOM   368 C CG   . LEU B 1 12 ? 8.410   0.437   1.392   1.00 8.33  ? 12  LEU B CG   1 
ATOM   369 C CD1  . LEU B 1 12 ? 9.073   0.251   0.012   1.00 8.70  ? 12  LEU B CD1  1 
ATOM   370 C CD2  . LEU B 1 12 ? 9.371   0.112   2.542   1.00 9.84  ? 12  LEU B CD2  1 
ATOM   371 H H    . LEU B 1 12 ? 6.752   4.204   1.573   1.00 15.00 ? 12  LEU B H    1 
ATOM   372 N N    . THR B 1 13 ? 4.760   1.583   1.365   1.00 5.48  ? 13  THR B N    1 
ATOM   373 C CA   . THR B 1 13 ? 3.565   0.753   1.345   1.00 5.51  ? 13  THR B CA   1 
ATOM   374 C C    . THR B 1 13 ? 2.748   0.980   0.075   1.00 5.54  ? 13  THR B C    1 
ATOM   375 O O    . THR B 1 13 ? 2.305   -0.021  -0.522  1.00 5.16  ? 13  THR B O    1 
ATOM   376 C CB   . THR B 1 13 ? 2.699   1.137   2.584   1.00 6.50  ? 13  THR B CB   1 
ATOM   377 O OG1  . THR B 1 13 ? 3.523   0.884   3.708   1.00 6.00  ? 13  THR B OG1  1 
ATOM   378 C CG2  . THR B 1 13 ? 1.429   0.301   2.694   1.00 5.88  ? 13  THR B CG2  1 
ATOM   379 H H    . THR B 1 13 ? 4.884   2.233   2.081   1.00 15.00 ? 13  THR B H    1 
ATOM   380 H HG1  . THR B 1 13 ? 3.776   1.742   4.076   1.00 15.00 ? 13  THR B HG1  1 
ATOM   381 N N    . ALA B 1 14 ? 2.574   2.228   -0.367  1.00 4.44  ? 14  ALA B N    1 
ATOM   382 C CA   . ALA B 1 14 ? 1.835   2.521   -1.597  1.00 5.03  ? 14  ALA B CA   1 
ATOM   383 C C    . ALA B 1 14 ? 2.510   1.903   -2.820  1.00 5.90  ? 14  ALA B C    1 
ATOM   384 O O    . ALA B 1 14 ? 1.863   1.282   -3.662  1.00 5.89  ? 14  ALA B O    1 
ATOM   385 C CB   . ALA B 1 14 ? 1.729   4.012   -1.821  1.00 4.03  ? 14  ALA B CB   1 
ATOM   386 H H    . ALA B 1 14 ? 2.946   2.992   0.127   1.00 15.00 ? 14  ALA B H    1 
ATOM   387 N N    . ALA B 1 15 ? 3.848   2.022   -2.864  1.00 6.04  ? 15  ALA B N    1 
ATOM   388 C CA   . ALA B 1 15 ? 4.610   1.490   -3.995  1.00 6.09  ? 15  ALA B CA   1 
ATOM   389 C C    . ALA B 1 15 ? 4.470   -0.018  -4.039  1.00 5.74  ? 15  ALA B C    1 
ATOM   390 O O    . ALA B 1 15 ? 4.294   -0.609  -5.110  1.00 6.47  ? 15  ALA B O    1 
ATOM   391 C CB   . ALA B 1 15 ? 6.107   1.832   -3.845  1.00 4.64  ? 15  ALA B CB   1 
ATOM   392 H H    . ALA B 1 15 ? 4.316   2.531   -2.170  1.00 15.00 ? 15  ALA B H    1 
ATOM   393 N N    . ASN B 1 16 ? 4.485   -0.675  -2.874  1.00 5.73  ? 16  ASN B N    1 
ATOM   394 C CA   . ASN B 1 16 ? 4.386   -2.129  -2.822  1.00 5.57  ? 16  ASN B CA   1 
ATOM   395 C C    . ASN B 1 16 ? 2.988   -2.546  -3.231  1.00 5.93  ? 16  ASN B C    1 
ATOM   396 O O    . ASN B 1 16 ? 2.830   -3.561  -3.909  1.00 5.71  ? 16  ASN B O    1 
ATOM   397 C CB   . ASN B 1 16 ? 4.671   -2.667  -1.412  1.00 6.16  ? 16  ASN B CB   1 
ATOM   398 C CG   . ASN B 1 16 ? 6.144   -2.655  -1.030  1.00 8.10  ? 16  ASN B CG   1 
ATOM   399 O OD1  . ASN B 1 16 ? 7.029   -2.403  -1.850  1.00 8.23  ? 16  ASN B OD1  1 
ATOM   400 N ND2  . ASN B 1 16 ? 6.434   -2.916  0.248   1.00 8.34  ? 16  ASN B ND2  1 
ATOM   401 H H    . ASN B 1 16 ? 4.693   -0.158  -2.064  1.00 15.00 ? 16  ASN B H    1 
ATOM   402 H HD21 . ASN B 1 16 ? 7.373   -2.946  0.543   1.00 15.00 ? 16  ASN B HD21 1 
ATOM   403 H HD22 . ASN B 1 16 ? 5.672   -3.130  0.808   1.00 15.00 ? 16  ASN B HD22 1 
ATOM   404 N N    . ALA B 1 17 ? 1.973   -1.792  -2.824  1.00 5.24  ? 17  ALA B N    1 
ATOM   405 C CA   . ALA B 1 17 ? 0.599   -2.099  -3.214  1.00 6.28  ? 17  ALA B CA   1 
ATOM   406 C C    . ALA B 1 17 ? 0.402   -1.942  -4.744  1.00 6.80  ? 17  ALA B C    1 
ATOM   407 O O    . ALA B 1 17 ? -0.213  -2.827  -5.372  1.00 6.82  ? 17  ALA B O    1 
ATOM   408 C CB   . ALA B 1 17 ? -0.347  -1.163  -2.461  1.00 7.26  ? 17  ALA B CB   1 
ATOM   409 H H    . ALA B 1 17 ? 2.174   -1.007  -2.281  1.00 15.00 ? 17  ALA B H    1 
ATOM   410 N N    . LYS B 1 18 ? 0.989   -0.896  -5.358  1.00 5.33  ? 18  LYS B N    1 
ATOM   411 C CA   . LYS B 1 18 ? 0.987   -0.714  -6.812  1.00 5.77  ? 18  LYS B CA   1 
ATOM   412 C C    . LYS B 1 18 ? 1.737   -1.869  -7.487  1.00 6.57  ? 18  LYS B C    1 
ATOM   413 O O    . LYS B 1 18 ? 1.242   -2.387  -8.501  1.00 6.88  ? 18  LYS B O    1 
ATOM   414 C CB   . LYS B 1 18 ? 1.638   0.611   -7.162  1.00 6.34  ? 18  LYS B CB   1 
ATOM   415 C CG   . LYS B 1 18 ? 1.824   0.921   -8.620  1.00 9.45  ? 18  LYS B CG   1 
ATOM   416 C CD   . LYS B 1 18 ? 0.501   1.020   -9.379  1.00 11.34 ? 18  LYS B CD   1 
ATOM   417 C CE   . LYS B 1 18 ? 0.814   1.302   -10.868 1.00 11.71 ? 18  LYS B CE   1 
ATOM   418 N NZ   . LYS B 1 18 ? -0.414  1.493   -11.624 1.00 11.54 ? 18  LYS B NZ   1 
ATOM   419 H H    . LYS B 1 18 ? 1.473   -0.243  -4.806  1.00 15.00 ? 18  LYS B H    1 
ATOM   420 H HZ1  . LYS B 1 18 ? -1.029  2.237   -11.235 1.00 15.00 ? 18  LYS B HZ1  1 
ATOM   421 H HZ2  . LYS B 1 18 ? -0.191  1.699   -12.618 1.00 15.00 ? 18  LYS B HZ2  1 
ATOM   422 H HZ3  . LYS B 1 18 ? -0.917  0.598   -11.580 1.00 15.00 ? 18  LYS B HZ3  1 
ATOM   423 N N    . ALA B 1 19 ? 2.876   -2.328  -6.929  1.00 5.84  ? 19  ALA B N    1 
ATOM   424 C CA   . ALA B 1 19 ? 3.583   -3.446  -7.518  1.00 7.12  ? 19  ALA B CA   1 
ATOM   425 C C    . ALA B 1 19 ? 2.682   -4.690  -7.507  1.00 7.04  ? 19  ALA B C    1 
ATOM   426 O O    . ALA B 1 19 ? 2.621   -5.426  -8.499  1.00 6.87  ? 19  ALA B O    1 
ATOM   427 C CB   . ALA B 1 19 ? 4.866   -3.774  -6.742  1.00 6.39  ? 19  ALA B CB   1 
ATOM   428 H H    . ALA B 1 19 ? 3.263   -1.850  -6.168  1.00 15.00 ? 19  ALA B H    1 
ATOM   429 N N    . ALA B 1 20 ? 1.962   -4.972  -6.404  1.00 6.95  ? 20  ALA B N    1 
ATOM   430 C CA   . ALA B 1 20 ? 1.026   -6.110  -6.364  1.00 6.77  ? 20  ALA B CA   1 
ATOM   431 C C    . ALA B 1 20 ? -0.079  -5.931  -7.407  1.00 6.56  ? 20  ALA B C    1 
ATOM   432 O O    . ALA B 1 20 ? -0.487  -6.919  -8.040  1.00 5.74  ? 20  ALA B O    1 
ATOM   433 C CB   . ALA B 1 20 ? 0.419   -6.212  -4.948  1.00 6.87  ? 20  ALA B CB   1 
ATOM   434 H H    . ALA B 1 20 ? 2.086   -4.418  -5.600  1.00 15.00 ? 20  ALA B H    1 
ATOM   435 N N    . ALA B 1 21 ? -0.555  -4.702  -7.640  1.00 5.71  ? 21  ALA B N    1 
ATOM   436 C CA   . ALA B 1 21 ? -1.592  -4.467  -8.629  1.00 5.62  ? 21  ALA B CA   1 
ATOM   437 C C    . ALA B 1 21 ? -1.045  -4.714  -10.053 1.00 6.65  ? 21  ALA B C    1 
ATOM   438 O O    . ALA B 1 21 ? -1.757  -5.276  -10.896 1.00 6.08  ? 21  ALA B O    1 
ATOM   439 C CB   . ALA B 1 21 ? -2.117  -3.035  -8.522  1.00 6.16  ? 21  ALA B CB   1 
ATOM   440 H H    . ALA B 1 21 ? -0.193  -3.952  -7.124  1.00 15.00 ? 21  ALA B H    1 
ATOM   441 N N    . GLU B 1 22 ? 0.220   -4.399  -10.343 1.00 5.79  ? 22  GLU B N    1 
ATOM   442 C CA   . GLU B 1 22 ? 0.804   -4.664  -11.657 1.00 5.44  ? 22  GLU B CA   1 
ATOM   443 C C    . GLU B 1 22 ? 0.922   -6.162  -11.911 1.00 5.43  ? 22  GLU B C    1 
ATOM   444 O O    . GLU B 1 22 ? 0.662   -6.629  -13.018 1.00 6.40  ? 22  GLU B O    1 
ATOM   445 C CB   . GLU B 1 22 ? 2.179   -4.052  -11.741 1.00 5.84  ? 22  GLU B CB   1 
ATOM   446 C CG   . GLU B 1 22 ? 2.138   -2.568  -11.873 1.00 6.25  ? 22  GLU B CG   1 
ATOM   447 C CD   . GLU B 1 22 ? 3.536   -1.987  -11.779 1.00 7.40  ? 22  GLU B CD   1 
ATOM   448 O OE1  . GLU B 1 22 ? 4.118   -2.112  -10.701 1.00 5.90  ? 22  GLU B OE1  1 
ATOM   449 O OE2  . GLU B 1 22 ? 4.008   -1.406  -12.767 1.00 7.55  ? 22  GLU B OE2  1 
ATOM   450 H H    . GLU B 1 22 ? 0.782   -3.960  -9.662  1.00 15.00 ? 22  GLU B H    1 
ATOM   451 N N    . LEU B 1 23 ? 1.314   -6.927  -10.901 1.00 5.87  ? 23  LEU B N    1 
ATOM   452 C CA   . LEU B 1 23 ? 1.442   -8.379  -10.992 1.00 6.57  ? 23  LEU B CA   1 
ATOM   453 C C    . LEU B 1 23 ? 0.064   -8.975  -11.218 1.00 6.38  ? 23  LEU B C    1 
ATOM   454 O O    . LEU B 1 23 ? -0.114  -9.829  -12.085 1.00 6.39  ? 23  LEU B O    1 
ATOM   455 C CB   . LEU B 1 23 ? 2.074   -8.886  -9.720  1.00 8.00  ? 23  LEU B CB   1 
ATOM   456 C CG   . LEU B 1 23 ? 3.632   -8.872  -9.428  1.00 12.69 ? 23  LEU B CG   1 
ATOM   457 C CD1  . LEU B 1 23 ? 4.201   -9.858  -10.432 1.00 13.27 ? 23  LEU B CD1  1 
ATOM   458 C CD2  . LEU B 1 23 ? 4.370   -7.518  -9.567  1.00 13.25 ? 23  LEU B CD2  1 
ATOM   459 H H    . LEU B 1 23 ? 1.551   -6.477  -10.053 1.00 15.00 ? 23  LEU B H    1 
ATOM   460 N N    . THR B 1 24 ? -0.943  -8.470  -10.497 1.00 5.91  ? 24  THR B N    1 
ATOM   461 C CA   . THR B 1 24 ? -2.315  -8.925  -10.701 1.00 6.84  ? 24  THR B CA   1 
ATOM   462 C C    . THR B 1 24 ? -2.810  -8.669  -12.136 1.00 7.66  ? 24  THR B C    1 
ATOM   463 O O    . THR B 1 24 ? -3.367  -9.573  -12.782 1.00 6.79  ? 24  THR B O    1 
ATOM   464 C CB   . THR B 1 24 ? -3.246  -8.242  -9.680  1.00 7.27  ? 24  THR B CB   1 
ATOM   465 O OG1  . THR B 1 24 ? -2.723  -8.566  -8.396  1.00 7.04  ? 24  THR B OG1  1 
ATOM   466 C CG2  . THR B 1 24 ? -4.693  -8.728  -9.745  1.00 7.97  ? 24  THR B CG2  1 
ATOM   467 H H    . THR B 1 24 ? -0.765  -7.794  -9.816  1.00 15.00 ? 24  THR B H    1 
ATOM   468 H HG1  . THR B 1 24 ? -1.847  -8.209  -8.227  1.00 15.00 ? 24  THR B HG1  1 
ATOM   469 N N    . ALA B 1 25 ? -2.559  -7.459  -12.620 1.00 6.72  ? 25  ALA B N    1 
ATOM   470 C CA   . ALA B 1 25 ? -2.960  -7.100  -13.976 1.00 6.70  ? 25  ALA B CA   1 
ATOM   471 C C    . ALA B 1 25 ? -2.241  -7.930  -15.029 1.00 7.47  ? 25  ALA B C    1 
ATOM   472 O O    . ALA B 1 25 ? -2.887  -8.425  -15.973 1.00 7.22  ? 25  ALA B O    1 
ATOM   473 C CB   . ALA B 1 25 ? -2.677  -5.630  -14.206 1.00 7.39  ? 25  ALA B CB   1 
ATOM   474 H H    . ALA B 1 25 ? -2.079  -6.804  -12.075 1.00 15.00 ? 25  ALA B H    1 
ATOM   475 N N    . ALA B 1 26 ? -0.932  -8.171  -14.919 1.00 6.72  ? 26  ALA B N    1 
ATOM   476 C CA   . ALA B 1 26 ? -0.253  -9.029  -15.904 1.00 7.22  ? 26  ALA B CA   1 
ATOM   477 C C    . ALA B 1 26 ? -0.834  -10.438 -15.882 1.00 6.87  ? 26  ALA B C    1 
ATOM   478 O O    . ALA B 1 26 ? -1.070  -11.057 -16.918 1.00 6.77  ? 26  ALA B O    1 
ATOM   479 C CB   . ALA B 1 26 ? 1.235   -9.193  -15.632 1.00 6.95  ? 26  ALA B CB   1 
ATOM   480 H H    . ALA B 1 26 ? -0.399  -7.704  -14.239 1.00 15.00 ? 26  ALA B H    1 
ATOM   481 N N    . ASN B 1 27 ? -1.165  -10.922 -14.683 1.00 6.59  ? 27  ASN B N    1 
ATOM   482 C CA   . ASN B 1 27 ? -1.661  -12.280 -14.563 1.00 6.79  ? 27  ASN B CA   1 
ATOM   483 C C    . ASN B 1 27 ? -3.056  -12.435 -15.169 1.00 6.15  ? 27  ASN B C    1 
ATOM   484 O O    . ASN B 1 27 ? -3.363  -13.376 -15.911 1.00 5.86  ? 27  ASN B O    1 
ATOM   485 C CB   . ASN B 1 27 ? -1.649  -12.647 -13.076 1.00 8.17  ? 27  ASN B CB   1 
ATOM   486 C CG   . ASN B 1 27 ? -1.446  -14.131 -12.865 1.00 11.68 ? 27  ASN B CG   1 
ATOM   487 O OD1  . ASN B 1 27 ? -0.755  -14.784 -13.653 1.00 12.23 ? 27  ASN B OD1  1 
ATOM   488 N ND2  . ASN B 1 27 ? -1.982  -14.730 -11.800 1.00 10.98 ? 27  ASN B ND2  1 
ATOM   489 H H    . ASN B 1 27 ? -0.958  -10.390 -13.889 1.00 15.00 ? 27  ASN B H    1 
ATOM   490 H HD21 . ASN B 1 27 ? -2.114  -15.697 -11.797 1.00 15.00 ? 27  ASN B HD21 1 
ATOM   491 H HD22 . ASN B 1 27 ? -2.366  -14.166 -11.106 1.00 15.00 ? 27  ASN B HD22 1 
ATOM   492 N N    . ALA B 1 28 ? -3.905  -11.458 -14.891 1.00 5.35  ? 28  ALA B N    1 
ATOM   493 C CA   . ALA B 1 28 ? -5.264  -11.441 -15.431 1.00 6.53  ? 28  ALA B CA   1 
ATOM   494 C C    . ALA B 1 28 ? -5.241  -11.297 -16.952 1.00 6.45  ? 28  ALA B C    1 
ATOM   495 O O    . ALA B 1 28 ? -6.002  -11.982 -17.649 1.00 7.42  ? 28  ALA B O    1 
ATOM   496 C CB   . ALA B 1 28 ? -6.050  -10.265 -14.822 1.00 5.94  ? 28  ALA B CB   1 
ATOM   497 H H    . ALA B 1 28 ? -3.620  -10.739 -14.292 1.00 15.00 ? 28  ALA B H    1 
ATOM   498 N N    . ALA B 1 29 ? -4.364  -10.445 -17.492 1.00 5.91  ? 29  ALA B N    1 
ATOM   499 C CA   . ALA B 1 29 ? -4.230  -10.303 -18.935 1.00 6.07  ? 29  ALA B CA   1 
ATOM   500 C C    . ALA B 1 29 ? -3.767  -11.608 -19.583 1.00 6.46  ? 29  ALA B C    1 
ATOM   501 O O    . ALA B 1 29 ? -4.269  -11.997 -20.656 1.00 7.18  ? 29  ALA B O    1 
ATOM   502 C CB   . ALA B 1 29 ? -3.207  -9.230  -19.300 1.00 6.58  ? 29  ALA B CB   1 
ATOM   503 H H    . ALA B 1 29 ? -3.782  -9.920  -16.902 1.00 15.00 ? 29  ALA B H    1 
ATOM   504 N N    . ALA B 1 30 ? -2.822  -12.314 -18.973 1.00 5.58  ? 30  ALA B N    1 
ATOM   505 C CA   . ALA B 1 30 ? -2.349  -13.586 -19.502 1.00 5.65  ? 30  ALA B CA   1 
ATOM   506 C C    . ALA B 1 30 ? -3.504  -14.586 -19.509 1.00 6.28  ? 30  ALA B C    1 
ATOM   507 O O    . ALA B 1 30 ? -3.690  -15.362 -20.457 1.00 7.15  ? 30  ALA B O    1 
ATOM   508 C CB   . ALA B 1 30 ? -1.245  -14.145 -18.638 1.00 5.09  ? 30  ALA B CB   1 
ATOM   509 H H    . ALA B 1 30 ? -2.399  -11.951 -18.162 1.00 15.00 ? 30  ALA B H    1 
ATOM   510 N N    . ALA B 1 31 ? -4.335  -14.578 -18.444 1.00 6.89  ? 31  ALA B N    1 
ATOM   511 C CA   . ALA B 1 31 ? -5.492  -15.479 -18.398 1.00 6.24  ? 31  ALA B CA   1 
ATOM   512 C C    . ALA B 1 31 ? -6.470  -15.195 -19.528 1.00 7.02  ? 31  ALA B C    1 
ATOM   513 O O    . ALA B 1 31 ? -6.943  -16.100 -20.214 1.00 8.02  ? 31  ALA B O    1 
ATOM   514 C CB   . ALA B 1 31 ? -6.250  -15.318 -17.103 1.00 6.86  ? 31  ALA B CB   1 
ATOM   515 H H    . ALA B 1 31 ? -4.121  -13.998 -17.686 1.00 15.00 ? 31  ALA B H    1 
ATOM   516 N N    . ALA B 1 32 ? -6.803  -13.928 -19.738 1.00 6.75  ? 32  ALA B N    1 
ATOM   517 C CA   . ALA B 1 32 ? -7.731  -13.507 -20.775 1.00 6.42  ? 32  ALA B CA   1 
ATOM   518 C C    . ALA B 1 32 ? -7.167  -13.922 -22.139 1.00 6.43  ? 32  ALA B C    1 
ATOM   519 O O    . ALA B 1 32 ? -7.884  -14.527 -22.950 1.00 7.43  ? 32  ALA B O    1 
ATOM   520 C CB   . ALA B 1 32 ? -7.889  -12.009 -20.718 1.00 6.10  ? 32  ALA B CB   1 
ATOM   521 H H    . ALA B 1 32 ? -6.364  -13.227 -19.208 1.00 15.00 ? 32  ALA B H    1 
ATOM   522 N N    . ALA B 1 33 ? -5.869  -13.692 -22.394 1.00 5.62  ? 33  ALA B N    1 
ATOM   523 C CA   . ALA B 1 33 ? -5.286  -14.033 -23.690 1.00 4.94  ? 33  ALA B CA   1 
ATOM   524 C C    . ALA B 1 33 ? -5.260  -15.541 -23.906 1.00 4.86  ? 33  ALA B C    1 
ATOM   525 O O    . ALA B 1 33 ? -5.500  -16.010 -25.014 1.00 5.22  ? 33  ALA B O    1 
ATOM   526 C CB   . ALA B 1 33 ? -3.873  -13.501 -23.756 1.00 5.37  ? 33  ALA B CB   1 
ATOM   527 H H    . ALA B 1 33 ? -5.325  -13.237 -21.723 1.00 15.00 ? 33  ALA B H    1 
ATOM   528 N N    . ALA B 1 34 ? -5.001  -16.333 -22.863 1.00 4.07  ? 34  ALA B N    1 
ATOM   529 C CA   . ALA B 1 34 ? -4.970  -17.777 -22.974 1.00 5.18  ? 34  ALA B CA   1 
ATOM   530 C C    . ALA B 1 34 ? -6.370  -18.345 -23.300 1.00 5.59  ? 34  ALA B C    1 
ATOM   531 O O    . ALA B 1 34 ? -6.508  -19.228 -24.151 1.00 5.46  ? 34  ALA B O    1 
ATOM   532 C CB   . ALA B 1 34 ? -4.453  -18.353 -21.654 1.00 6.32  ? 34  ALA B CB   1 
ATOM   533 H H    . ALA B 1 34 ? -4.803  -15.931 -21.995 1.00 15.00 ? 34  ALA B H    1 
ATOM   534 N N    . THR B 1 35 ? -7.455  -17.800 -22.733 1.00 6.03  ? 35  THR B N    1 
ATOM   535 C CA   . THR B 1 35 ? -8.789  -18.353 -23.006 1.00 6.65  ? 35  THR B CA   1 
ATOM   536 C C    . THR B 1 35 ? -9.169  -18.256 -24.485 1.00 6.29  ? 35  THR B C    1 
ATOM   537 O O    . THR B 1 35 ? -9.705  -19.190 -25.085 1.00 7.61  ? 35  THR B O    1 
ATOM   538 C CB   . THR B 1 35 ? -9.889  -17.627 -22.161 1.00 8.39  ? 35  THR B CB   1 
ATOM   539 O OG1  . THR B 1 35 ? -9.958  -16.269 -22.557 1.00 8.80  ? 35  THR B OG1  1 
ATOM   540 C CG2  . THR B 1 35 ? -9.594  -17.715 -20.677 1.00 7.96  ? 35  THR B CG2  1 
ATOM   541 H H    . THR B 1 35 ? -7.340  -17.035 -22.129 1.00 15.00 ? 35  THR B H    1 
ATOM   542 H HG1  . THR B 1 35 ? -9.366  -15.687 -22.053 1.00 15.00 ? 35  THR B HG1  1 
ATOM   543 N N    . ALA B 1 36 ? -8.811  -17.136 -25.096 1.00 7.25  ? 36  ALA B N    1 
ATOM   544 C CA   . ALA B 1 36 ? -9.151  -16.883 -26.486 1.00 8.19  ? 36  ALA B CA   1 
ATOM   545 C C    . ALA B 1 36 ? -8.391  -17.759 -27.469 1.00 8.91  ? 36  ALA B C    1 
ATOM   546 O O    . ALA B 1 36 ? -8.835  -17.971 -28.610 1.00 10.48 ? 36  ALA B O    1 
ATOM   547 C CB   . ALA B 1 36 ? -8.866  -15.422 -26.809 1.00 8.74  ? 36  ALA B CB   1 
ATOM   548 H H    . ALA B 1 36 ? -8.336  -16.447 -24.578 1.00 15.00 ? 36  ALA B H    1 
ATOM   549 N N    . ARG B 1 37 ? -7.237  -18.258 -27.039 1.00 9.03  ? 37  ARG B N    1 
ATOM   550 C CA   . ARG B 1 37 ? -6.375  -19.087 -27.855 1.00 8.74  ? 37  ARG B CA   1 
ATOM   551 C C    . ARG B 1 37 ? -6.514  -20.581 -27.558 1.00 9.75  ? 37  ARG B C    1 
ATOM   552 O O    . ARG B 1 37 ? -5.775  -21.361 -28.147 1.00 8.44  ? 37  ARG B O    1 
ATOM   553 C CB   . ARG B 1 37 ? -4.949  -18.570 -27.635 1.00 8.00  ? 37  ARG B CB   1 
ATOM   554 C CG   . ARG B 1 37 ? -4.797  -17.226 -28.298 1.00 8.04  ? 37  ARG B CG   1 
ATOM   555 C CD   . ARG B 1 37 ? -3.597  -16.417 -27.790 1.00 8.54  ? 37  ARG B CD   1 
ATOM   556 N NE   . ARG B 1 37 ? -3.562  -15.195 -28.582 1.00 8.19  ? 37  ARG B NE   1 
ATOM   557 C CZ   . ARG B 1 37 ? -4.324  -14.132 -28.306 1.00 8.53  ? 37  ARG B CZ   1 
ATOM   558 N NH1  . ARG B 1 37 ? -5.164  -14.147 -27.262 1.00 6.01  ? 37  ARG B NH1  1 
ATOM   559 N NH2  . ARG B 1 37 ? -4.263  -13.055 -29.109 1.00 8.03  ? 37  ARG B NH2  1 
ATOM   560 H H    . ARG B 1 37 ? -6.926  -18.038 -26.133 1.00 15.00 ? 37  ARG B H    1 
ATOM   561 H HE   . ARG B 1 37 ? -2.936  -15.140 -29.338 1.00 15.00 ? 37  ARG B HE   1 
ATOM   562 H HH11 . ARG B 1 37 ? -5.224  -14.960 -26.687 1.00 15.00 ? 37  ARG B HH11 1 
ATOM   563 H HH12 . ARG B 1 37 ? -5.696  -13.335 -27.055 1.00 15.00 ? 37  ARG B HH12 1 
ATOM   564 H HH21 . ARG B 1 37 ? -3.646  -13.051 -29.897 1.00 15.00 ? 37  ARG B HH21 1 
ATOM   565 H HH22 . ARG B 1 37 ? -4.808  -12.247 -28.901 1.00 15.00 ? 37  ARG B HH22 1 
HETATM 566 N N    . NH2 B 1 38 ? -7.363  -20.980 -26.751 1.00 11.30 ? 38  NH2 B N    1 
HETATM 567 O O    . HOH C 2 .  ? -4.756  -5.108  2.486   1.00 26.62 ? 202 HOH A O    1 
HETATM 568 H H1   . HOH C 2 .  ? -5.135  -4.382  1.989   1.00 0.00  ? 202 HOH A H1   1 
HETATM 569 H H2   . HOH C 2 .  ? -3.793  -5.091  2.389   1.00 0.00  ? 202 HOH A H2   1 
HETATM 570 O O    . HOH C 2 .  ? 5.475   0.767   19.990  1.00 31.15 ? 203 HOH A O    1 
HETATM 571 H H1   . HOH C 2 .  ? 5.440   1.655   19.672  1.00 0.00  ? 203 HOH A H1   1 
HETATM 572 H H2   . HOH C 2 .  ? 6.424   0.586   20.076  1.00 0.00  ? 203 HOH A H2   1 
HETATM 573 O O    . HOH C 2 .  ? -0.181  -3.295  4.266   1.00 37.22 ? 205 HOH A O    1 
HETATM 574 H H1   . HOH C 2 .  ? -0.403  -2.393  4.041   1.00 0.00  ? 205 HOH A H1   1 
HETATM 575 H H2   . HOH C 2 .  ? 0.780   -3.274  4.317   1.00 0.00  ? 205 HOH A H2   1 
HETATM 576 O O    . HOH C 2 .  ? -9.381  3.486   0.658   1.00 20.71 ? 207 HOH A O    1 
HETATM 577 H H1   . HOH C 2 .  ? -9.655  4.398   0.475   1.00 0.00  ? 207 HOH A H1   1 
HETATM 578 H H2   . HOH C 2 .  ? -8.427  3.530   0.704   1.00 0.00  ? 207 HOH A H2   1 
HETATM 579 O O    . HOH C 2 .  ? -6.335  -3.100  3.560   1.00 25.23 ? 209 HOH A O    1 
HETATM 580 H H1   . HOH C 2 .  ? -6.473  -2.323  2.998   1.00 0.00  ? 209 HOH A H1   1 
HETATM 581 H H2   . HOH C 2 .  ? -5.360  -3.127  3.591   1.00 0.00  ? 209 HOH A H2   1 
HETATM 582 O O    . HOH C 2 .  ? -0.158  1.341   15.928  1.00 35.54 ? 210 HOH A O    1 
HETATM 583 H H1   . HOH C 2 .  ? -0.398  2.260   15.850  1.00 0.00  ? 210 HOH A H1   1 
HETATM 584 H H2   . HOH C 2 .  ? 0.762   1.377   16.204  1.00 0.00  ? 210 HOH A H2   1 
HETATM 585 O O    . HOH C 2 .  ? 1.158   -1.095  14.697  1.00 17.72 ? 216 HOH A O    1 
HETATM 586 H H1   . HOH C 2 .  ? 0.907   -0.246  14.297  1.00 0.00  ? 216 HOH A H1   1 
HETATM 587 H H2   . HOH C 2 .  ? 2.112   -1.180  14.560  1.00 0.00  ? 216 HOH A H2   1 
HETATM 588 O O    . HOH C 2 .  ? -0.662  -0.968  7.165   1.00 30.30 ? 217 HOH A O    1 
HETATM 589 H H1   . HOH C 2 .  ? -0.957  -0.146  6.766   1.00 0.00  ? 217 HOH A H1   1 
HETATM 590 H H2   . HOH C 2 .  ? 0.293   -0.930  7.108   1.00 0.00  ? 217 HOH A H2   1 
HETATM 591 O O    . HOH C 2 .  ? -7.124  12.351  7.760   1.00 15.08 ? 218 HOH A O    1 
HETATM 592 H H1   . HOH C 2 .  ? -7.596  13.201  7.638   1.00 0.00  ? 218 HOH A H1   1 
HETATM 593 H H2   . HOH C 2 .  ? -6.200  12.607  7.830   1.00 0.00  ? 218 HOH A H2   1 
HETATM 594 O O    . HOH C 2 .  ? -5.874  11.414  3.187   1.00 13.67 ? 219 HOH A O    1 
HETATM 595 H H1   . HOH C 2 .  ? -6.122  12.348  3.057   1.00 0.00  ? 219 HOH A H1   1 
HETATM 596 H H2   . HOH C 2 .  ? -4.913  11.458  3.197   1.00 0.00  ? 219 HOH A H2   1 
HETATM 597 O O    . HOH C 2 .  ? 4.052   -2.530  14.601  1.00 39.69 ? 220 HOH A O    1 
HETATM 598 H H1   . HOH C 2 .  ? 3.871   -1.858  13.944  1.00 0.00  ? 220 HOH A H1   1 
HETATM 599 H H2   . HOH C 2 .  ? 4.958   -2.769  14.366  1.00 0.00  ? 220 HOH A H2   1 
HETATM 600 O O    . HOH C 2 .  ? 5.647   1.368   13.579  1.00 7.39  ? 221 HOH A O    1 
HETATM 601 H H1   . HOH C 2 .  ? 5.405   2.274   13.364  1.00 0.00  ? 221 HOH A H1   1 
HETATM 602 H H2   . HOH C 2 .  ? 6.605   1.495   13.546  1.00 0.00  ? 221 HOH A H2   1 
HETATM 603 O O    . HOH C 2 .  ? 3.643   1.391   11.116  1.00 47.40 ? 225 HOH A O    1 
HETATM 604 H H1   . HOH C 2 .  ? 3.476   2.292   10.810  1.00 0.00  ? 225 HOH A H1   1 
HETATM 605 H H2   . HOH C 2 .  ? 4.606   1.333   11.033  1.00 0.00  ? 225 HOH A H2   1 
HETATM 606 O O    . HOH C 2 .  ? 2.468   -1.081  10.761  1.00 29.36 ? 226 HOH A O    1 
HETATM 607 H H1   . HOH C 2 .  ? 2.326   -0.154  10.550  1.00 0.00  ? 226 HOH A H1   1 
HETATM 608 H H2   . HOH C 2 .  ? 3.423   -1.127  10.949  1.00 0.00  ? 226 HOH A H2   1 
HETATM 609 O O    . HOH C 2 .  ? 7.156   3.666   13.743  1.00 10.38 ? 228 HOH A O    1 
HETATM 610 H H1   . HOH C 2 .  ? 6.890   4.585   13.616  1.00 0.00  ? 228 HOH A H1   1 
HETATM 611 H H2   . HOH C 2 .  ? 8.093   3.785   13.942  1.00 0.00  ? 228 HOH A H2   1 
HETATM 612 O O    . HOH C 2 .  ? -4.576  3.186   10.479  1.00 49.19 ? 230 HOH A O    1 
HETATM 613 H H1   . HOH C 2 .  ? -5.094  3.971   10.779  1.00 0.00  ? 230 HOH A H1   1 
HETATM 614 H H2   . HOH C 2 .  ? -3.829  3.156   11.077  1.00 0.00  ? 230 HOH A H2   1 
HETATM 615 O O    . HOH C 2 .  ? -5.336  5.353   11.979  1.00 38.66 ? 232 HOH A O    1 
HETATM 616 H H1   . HOH C 2 .  ? -5.751  6.250   12.084  1.00 0.00  ? 232 HOH A H1   1 
HETATM 617 H H2   . HOH C 2 .  ? -4.538  5.588   12.293  1.00 0.00  ? 232 HOH A H2   1 
HETATM 618 O O    . HOH C 2 .  ? -2.540  -4.895  4.371   1.00 40.56 ? 233 HOH A O    1 
HETATM 619 H H1   . HOH C 2 .  ? -2.830  -3.982  4.296   1.00 0.00  ? 233 HOH A H1   1 
HETATM 620 H H2   . HOH C 2 .  ? -1.595  -4.748  4.525   1.00 0.00  ? 233 HOH A H2   1 
HETATM 621 O O    . HOH C 2 .  ? -9.524  6.295   -1.652  1.00 23.22 ? 234 HOH A O    1 
HETATM 622 H H1   . HOH C 2 .  ? -9.808  7.056   -2.125  1.00 0.00  ? 234 HOH A H1   1 
HETATM 623 H H2   . HOH C 2 .  ? -8.608  6.146   -1.864  1.00 0.00  ? 234 HOH A H2   1 
HETATM 624 O O    . HOH C 2 .  ? 1.615   -0.187  20.669  1.00 37.83 ? 235 HOH A O    1 
HETATM 625 H H1   . HOH C 2 .  ? 1.330   0.648   20.241  1.00 0.00  ? 235 HOH A H1   1 
HETATM 626 H H2   . HOH C 2 .  ? 2.582   -0.088  20.533  1.00 0.00  ? 235 HOH A H2   1 
HETATM 627 O O    . HOH C 2 .  ? -0.498  9.421   19.256  1.00 26.83 ? 241 HOH A O    1 
HETATM 628 H H1   . HOH C 2 .  ? -0.737  10.286  18.910  1.00 0.00  ? 241 HOH A H1   1 
HETATM 629 H H2   . HOH C 2 .  ? 0.465   9.479   19.252  1.00 0.00  ? 241 HOH A H2   1 
HETATM 630 O O    . HOH C 2 .  ? -12.177 -6.469  -17.580 1.00 9.79  ? 242 HOH A O    1 
HETATM 631 H H1   . HOH C 2 .  ? -12.523 -5.600  -17.475 1.00 0.00  ? 242 HOH A H1   1 
HETATM 632 H H2   . HOH C 2 .  ? -11.235 -6.336  -17.526 1.00 0.00  ? 242 HOH A H2   1 
HETATM 633 O O    . HOH C 2 .  ? 2.475   6.748   -4.378  1.00 36.77 ? 246 HOH A O    1 
HETATM 634 H H1   . HOH C 2 .  ? 2.443   7.474   -4.996  1.00 0.00  ? 246 HOH A H1   1 
HETATM 635 H H2   . HOH C 2 .  ? 3.408   6.485   -4.415  1.00 0.00  ? 246 HOH A H2   1 
HETATM 636 O O    . HOH C 2 .  ? -16.845 -6.246  -17.383 1.00 12.57 ? 247 HOH A O    1 
HETATM 637 H H1   . HOH C 2 .  ? -16.931 -5.391  -17.799 1.00 0.00  ? 247 HOH A H1   1 
HETATM 638 H H2   . HOH C 2 .  ? -15.889 -6.343  -17.480 1.00 0.00  ? 247 HOH A H2   1 
HETATM 639 O O    . HOH C 2 .  ? -14.518 -1.872  -7.524  1.00 37.33 ? 248 HOH A O    1 
HETATM 640 H H1   . HOH C 2 .  ? -14.610 -0.917  -7.322  1.00 0.00  ? 248 HOH A H1   1 
HETATM 641 H H2   . HOH C 2 .  ? -13.604 -1.968  -7.214  1.00 0.00  ? 248 HOH A H2   1 
HETATM 642 O O    . HOH C 2 .  ? -8.575  -7.397  -14.413 1.00 25.10 ? 249 HOH A O    1 
HETATM 643 H H1   . HOH C 2 .  ? -8.733  -6.504  -14.701 1.00 0.00  ? 249 HOH A H1   1 
HETATM 644 H H2   . HOH C 2 .  ? -7.616  -7.433  -14.353 1.00 0.00  ? 249 HOH A H2   1 
HETATM 645 O O    . HOH C 2 .  ? -13.786 -2.366  -17.082 1.00 9.82  ? 251 HOH A O    1 
HETATM 646 H H1   . HOH C 2 .  ? -14.110 -1.565  -17.519 1.00 0.00  ? 251 HOH A H1   1 
HETATM 647 H H2   . HOH C 2 .  ? -12.852 -2.330  -17.295 1.00 0.00  ? 251 HOH A H2   1 
HETATM 648 O O    . HOH C 2 .  ? -19.469 -2.046  -9.449  1.00 41.22 ? 252 HOH A O    1 
HETATM 649 H H1   . HOH C 2 .  ? -19.404 -1.071  -9.575  1.00 0.00  ? 252 HOH A H1   1 
HETATM 650 H H2   . HOH C 2 .  ? -18.557 -2.397  -9.439  1.00 0.00  ? 252 HOH A H2   1 
HETATM 651 O O    . HOH C 2 .  ? -10.970 -7.974  -13.641 1.00 12.21 ? 255 HOH A O    1 
HETATM 652 H H1   . HOH C 2 .  ? -11.156 -7.109  -13.967 1.00 0.00  ? 255 HOH A H1   1 
HETATM 653 H H2   . HOH C 2 .  ? -9.996  -8.010  -13.700 1.00 0.00  ? 255 HOH A H2   1 
HETATM 654 O O    . HOH C 2 .  ? 9.898   4.239   35.427  1.00 36.37 ? 256 HOH A O    1 
HETATM 655 H H1   . HOH C 2 .  ? 9.679   5.139   35.179  1.00 0.00  ? 256 HOH A H1   1 
HETATM 656 H H2   . HOH C 2 .  ? 10.854  4.266   35.519  1.00 0.00  ? 256 HOH A H2   1 
HETATM 657 O O    . HOH C 2 .  ? 10.314  9.923   34.477  1.00 35.79 ? 257 HOH A O    1 
HETATM 658 H H1   . HOH C 2 .  ? 9.867   10.391  33.724  1.00 0.00  ? 257 HOH A H1   1 
HETATM 659 H H2   . HOH C 2 .  ? 11.089  9.578   34.011  1.00 0.00  ? 257 HOH A H2   1 
HETATM 660 O O    . HOH C 2 .  ? -2.623  0.481   -7.079  1.00 20.32 ? 258 HOH A O    1 
HETATM 661 H H1   . HOH C 2 .  ? -2.993  1.221   -7.581  1.00 0.00  ? 258 HOH A H1   1 
HETATM 662 H H2   . HOH C 2 .  ? -1.679  0.549   -7.234  1.00 0.00  ? 258 HOH A H2   1 
HETATM 663 O O    . HOH C 2 .  ? -3.476  2.605   -8.350  1.00 44.69 ? 259 HOH A O    1 
HETATM 664 H H1   . HOH C 2 .  ? -3.836  3.440   -8.693  1.00 0.00  ? 259 HOH A H1   1 
HETATM 665 H H2   . HOH C 2 .  ? -2.565  2.865   -8.136  1.00 0.00  ? 259 HOH A H2   1 
HETATM 666 O O    . HOH C 2 .  ? 14.496  9.814   32.110  1.00 25.00 ? 266 HOH A O    1 
HETATM 667 H H1   . HOH C 2 .  ? 14.214  10.693  31.922  1.00 0.00  ? 266 HOH A H1   1 
HETATM 668 H H2   . HOH C 2 .  ? 15.371  10.077  32.427  1.00 0.00  ? 266 HOH A H2   1 
HETATM 669 O O    . HOH C 2 .  ? -5.569  1.171   -10.167 1.00 35.09 ? 267 HOH A O    1 
HETATM 670 H H1   . HOH C 2 .  ? -5.996  2.034   -10.309 1.00 0.00  ? 267 HOH A H1   1 
HETATM 671 H H2   . HOH C 2 .  ? -4.725  1.404   -9.776  1.00 0.00  ? 267 HOH A H2   1 
HETATM 672 O O    . HOH C 2 .  ? -14.335 -6.907  -10.735 1.00 6.46  ? 270 HOH A O    1 
HETATM 673 H H1   . HOH C 2 .  ? -14.571 -6.045  -11.063 1.00 0.00  ? 270 HOH A H1   1 
HETATM 674 H H2   . HOH C 2 .  ? -13.381 -6.953  -10.774 1.00 0.00  ? 270 HOH A H2   1 
HETATM 675 O O    . HOH C 2 .  ? -8.642  -6.317  -7.057  1.00 22.31 ? 271 HOH A O    1 
HETATM 676 H H1   . HOH C 2 .  ? -8.894  -5.466  -7.417  1.00 0.00  ? 271 HOH A H1   1 
HETATM 677 H H2   . HOH C 2 .  ? -7.680  -6.301  -7.146  1.00 0.00  ? 271 HOH A H2   1 
HETATM 678 O O    . HOH C 2 .  ? 9.745   10.815  32.112  1.00 33.14 ? 272 HOH A O    1 
HETATM 679 H H1   . HOH C 2 .  ? 9.473   11.666  31.721  1.00 0.00  ? 272 HOH A H1   1 
HETATM 680 H H2   . HOH C 2 .  ? 10.647  10.755  31.800  1.00 0.00  ? 272 HOH A H2   1 
HETATM 681 O O    . HOH C 2 .  ? -14.422 2.742   -17.337 1.00 35.71 ? 273 HOH A O    1 
HETATM 682 H H1   . HOH C 2 .  ? -14.708 3.467   -17.859 1.00 0.00  ? 273 HOH A H1   1 
HETATM 683 H H2   . HOH C 2 .  ? -13.557 2.594   -17.700 1.00 0.00  ? 273 HOH A H2   1 
HETATM 684 O O    . HOH C 2 .  ? -2.669  -3.181  -0.702  1.00 17.18 ? 275 HOH A O    1 
HETATM 685 H H1   . HOH C 2 .  ? -2.936  -2.372  -1.153  1.00 0.00  ? 275 HOH A H1   1 
HETATM 686 H H2   . HOH C 2 .  ? -1.709  -3.161  -0.778  1.00 0.00  ? 275 HOH A H2   1 
HETATM 687 O O    . HOH C 2 .  ? 3.867   13.735  17.542  1.00 52.11 ? 279 HOH A O    1 
HETATM 688 H H1   . HOH C 2 .  ? 3.856   14.444  16.886  1.00 0.00  ? 279 HOH A H1   1 
HETATM 689 H H2   . HOH C 2 .  ? 4.583   13.101  17.311  1.00 0.00  ? 279 HOH A H2   1 
HETATM 690 O O    . HOH C 2 .  ? 0.430   10.617  15.856  1.00 43.58 ? 281 HOH A O    1 
HETATM 691 H H1   . HOH C 2 .  ? 0.128   11.499  15.881  1.00 0.00  ? 281 HOH A H1   1 
HETATM 692 H H2   . HOH C 2 .  ? 1.293   10.543  16.220  1.00 0.00  ? 281 HOH A H2   1 
HETATM 693 O O    . HOH C 2 .  ? 1.062   -1.449  18.465  1.00 35.50 ? 283 HOH A O    1 
HETATM 694 H H1   . HOH C 2 .  ? 0.700   -0.579  18.560  1.00 0.00  ? 283 HOH A H1   1 
HETATM 695 H H2   . HOH C 2 .  ? 1.891   -1.425  18.935  1.00 0.00  ? 283 HOH A H2   1 
HETATM 696 O O    . HOH C 2 .  ? -0.719  -3.844  10.113  1.00 42.04 ? 294 HOH A O    1 
HETATM 697 H H1   . HOH C 2 .  ? -0.976  -2.931  9.938   1.00 0.00  ? 294 HOH A H1   1 
HETATM 698 H H2   . HOH C 2 .  ? 0.210   -3.712  10.328  1.00 0.00  ? 294 HOH A H2   1 
HETATM 699 O O    . HOH C 2 .  ? 4.791   -0.788  12.101  1.00 44.23 ? 297 HOH A O    1 
HETATM 700 H H1   . HOH C 2 .  ? 4.289   0.048   11.960  1.00 0.00  ? 297 HOH A H1   1 
HETATM 701 H H2   . HOH C 2 .  ? 5.731   -0.464  11.990  1.00 0.00  ? 297 HOH A H2   1 
HETATM 702 O O    . HOH C 2 .  ? 2.941   1.863   19.854  1.00 50.47 ? 301 HOH A O    1 
HETATM 703 H H1   . HOH C 2 .  ? 2.869   2.585   19.203  1.00 0.00  ? 301 HOH A H1   1 
HETATM 704 H H2   . HOH C 2 .  ? 3.884   1.640   19.657  1.00 0.00  ? 301 HOH A H2   1 
HETATM 705 O O    . HOH C 2 .  ? -7.465  -7.660  -19.049 1.00 41.04 ? 302 HOH A O    1 
HETATM 706 H H1   . HOH C 2 .  ? -7.641  -6.794  -19.433 1.00 0.00  ? 302 HOH A H1   1 
HETATM 707 H H2   . HOH C 2 .  ? -6.504  -7.694  -19.062 1.00 0.00  ? 302 HOH A H2   1 
HETATM 708 O O    . HOH C 2 .  ? -10.435 -2.954  -20.491 1.00 44.77 ? 303 HOH A O    1 
HETATM 709 H H1   . HOH C 2 .  ? -10.668 -2.199  -21.042 1.00 0.00  ? 303 HOH A H1   1 
HETATM 710 H H2   . HOH C 2 .  ? -9.522  -3.095  -20.763 1.00 0.00  ? 303 HOH A H2   1 
HETATM 711 O O    . HOH C 2 .  ? 10.221  1.470   23.310  1.00 37.43 ? 304 HOH A O    1 
HETATM 712 H H1   . HOH C 2 .  ? 10.165  2.247   22.774  1.00 0.00  ? 304 HOH A H1   1 
HETATM 713 H H2   . HOH C 2 .  ? 11.157  1.204   23.195  1.00 0.00  ? 304 HOH A H2   1 
HETATM 714 O O    . HOH C 2 .  ? 1.229   11.076  18.337  1.00 45.22 ? 305 HOH A O    1 
HETATM 715 H H1   . HOH C 2 .  ? 0.704   11.458  17.591  1.00 0.00  ? 305 HOH A H1   1 
HETATM 716 H H2   . HOH C 2 .  ? 2.030   10.732  17.897  1.00 0.00  ? 305 HOH A H2   1 
HETATM 717 O O    . HOH C 2 .  ? 7.243   0.830   22.565  1.00 40.62 ? 306 HOH A O    1 
HETATM 718 H H1   . HOH C 2 .  ? 6.931   1.755   22.648  1.00 0.00  ? 306 HOH A H1   1 
HETATM 719 H H2   . HOH C 2 .  ? 8.137   0.895   22.997  1.00 0.00  ? 306 HOH A H2   1 
HETATM 720 O O    . HOH C 2 .  ? -4.853  -4.921  -0.432  1.00 50.37 ? 307 HOH A O    1 
HETATM 721 H H1   . HOH C 2 .  ? -4.856  -4.040  -0.836  1.00 0.00  ? 307 HOH A H1   1 
HETATM 722 H H2   . HOH C 2 .  ? -3.975  -4.991  -0.018  1.00 0.00  ? 307 HOH A H2   1 
HETATM 723 O O    . HOH C 2 .  ? -11.609 3.312   -5.135  1.00 37.81 ? 308 HOH A O    1 
HETATM 724 H H1   . HOH C 2 .  ? -11.842 4.222   -5.320  1.00 0.00  ? 308 HOH A H1   1 
HETATM 725 H H2   . HOH C 2 .  ? -10.655 3.351   -5.059  1.00 0.00  ? 308 HOH A H2   1 
HETATM 726 O O    . HOH C 2 .  ? -14.142 -5.369  -18.413 1.00 49.53 ? 309 HOH A O    1 
HETATM 727 H H1   . HOH C 2 .  ? -14.104 -4.736  -19.136 1.00 0.00  ? 309 HOH A H1   1 
HETATM 728 H H2   . HOH C 2 .  ? -13.461 -6.051  -18.595 1.00 0.00  ? 309 HOH A H2   1 
HETATM 729 O O    . HOH C 2 .  ? -6.294  -7.978  -1.931  1.00 36.03 ? 311 HOH A O    1 
HETATM 730 H H1   . HOH C 2 .  ? -6.510  -7.047  -2.002  1.00 0.00  ? 311 HOH A H1   1 
HETATM 731 H H2   . HOH C 2 .  ? -5.377  -7.949  -1.641  1.00 0.00  ? 311 HOH A H2   1 
HETATM 732 O O    . HOH C 2 .  ? 12.201  6.446   37.103  1.00 42.30 ? 313 HOH A O    1 
HETATM 733 H H1   . HOH C 2 .  ? 11.803  7.218   36.583  1.00 0.00  ? 313 HOH A H1   1 
HETATM 734 H H2   . HOH C 2 .  ? 13.123  6.636   36.814  1.00 0.00  ? 313 HOH A H2   1 
HETATM 735 O O    . HOH C 2 .  ? -2.167  -8.716  -2.730  1.00 40.03 ? 314 HOH A O    1 
HETATM 736 H H1   . HOH C 2 .  ? -2.469  -7.821  -2.866  1.00 0.00  ? 314 HOH A H1   1 
HETATM 737 H H2   . HOH C 2 .  ? -1.238  -8.638  -2.535  1.00 0.00  ? 314 HOH A H2   1 
HETATM 738 O O    . HOH C 2 .  ? -16.927 -2.600  -8.731  1.00 49.10 ? 315 HOH A O    1 
HETATM 739 H H1   . HOH C 2 .  ? -17.513 -1.860  -8.361  1.00 0.00  ? 315 HOH A H1   1 
HETATM 740 H H2   . HOH C 2 .  ? -16.023 -2.381  -8.427  1.00 0.00  ? 315 HOH A H2   1 
HETATM 741 O O    . HOH C 2 .  ? 5.061   0.086   27.844  1.00 40.37 ? 316 HOH A O    1 
HETATM 742 H H1   . HOH C 2 .  ? 5.033   0.987   27.591  1.00 0.00  ? 316 HOH A H1   1 
HETATM 743 H H2   . HOH C 2 .  ? 5.991   -0.176  27.699  1.00 0.00  ? 316 HOH A H2   1 
HETATM 744 O O    . HOH C 2 .  ? 12.495  8.204   35.349  1.00 40.33 ? 317 HOH A O    1 
HETATM 745 H H1   . HOH C 2 .  ? 11.857  8.623   34.738  1.00 0.00  ? 317 HOH A H1   1 
HETATM 746 H H2   . HOH C 2 .  ? 13.205  8.078   34.714  1.00 0.00  ? 317 HOH A H2   1 
HETATM 747 O O    . HOH C 2 .  ? 12.356  9.251   33.060  1.00 39.89 ? 320 HOH A O    1 
HETATM 748 H H1   . HOH C 2 .  ? 12.317  10.160  32.695  1.00 0.00  ? 320 HOH A H1   1 
HETATM 749 H H2   . HOH C 2 .  ? 13.309  9.089   32.856  1.00 0.00  ? 320 HOH A H2   1 
HETATM 750 O O    . HOH C 2 .  ? -17.945 -1.716  -14.745 1.00 33.77 ? 322 HOH A O    1 
HETATM 751 H H1   . HOH C 2 .  ? -18.104 -0.851  -15.123 1.00 0.00  ? 322 HOH A H1   1 
HETATM 752 H H2   . HOH C 2 .  ? -16.986 -1.774  -14.775 1.00 0.00  ? 322 HOH A H2   1 
HETATM 753 O O    . HOH C 2 .  ? 8.253   2.485   30.119  1.00 37.44 ? 323 HOH A O    1 
HETATM 754 H H1   . HOH C 2 .  ? 8.225   3.441   30.051  1.00 0.00  ? 323 HOH A H1   1 
HETATM 755 H H2   . HOH C 2 .  ? 9.226   2.390   30.201  1.00 0.00  ? 323 HOH A H2   1 
HETATM 756 O O    . HOH C 2 .  ? 15.550  7.598   30.551  1.00 38.19 ? 326 HOH A O    1 
HETATM 757 H H1   . HOH C 2 .  ? 15.158  8.073   29.810  1.00 0.00  ? 326 HOH A H1   1 
HETATM 758 H H2   . HOH C 2 .  ? 16.098  6.883   30.198  1.00 0.00  ? 326 HOH A H2   1 
HETATM 759 O O    . HOH C 2 .  ? -2.654  -6.578  -0.241  1.00 39.03 ? 328 HOH A O    1 
HETATM 760 H H1   . HOH C 2 .  ? -3.094  -5.943  -0.833  1.00 0.00  ? 328 HOH A H1   1 
HETATM 761 H H2   . HOH C 2 .  ? -1.716  -6.346  -0.245  1.00 0.00  ? 328 HOH A H2   1 
HETATM 762 O O    . HOH C 2 .  ? -1.608  6.467   -2.921  1.00 36.73 ? 329 HOH A O    1 
HETATM 763 H H1   . HOH C 2 .  ? -1.977  7.338   -2.807  1.00 0.00  ? 329 HOH A H1   1 
HETATM 764 H H2   . HOH C 2 .  ? -0.793  6.405   -2.418  1.00 0.00  ? 329 HOH A H2   1 
HETATM 765 O O    . HOH C 2 .  ? -0.747  7.218   -0.453  1.00 51.99 ? 330 HOH A O    1 
HETATM 766 H H1   . HOH C 2 .  ? -1.294  7.704   -1.088  1.00 0.00  ? 330 HOH A H1   1 
HETATM 767 H H2   . HOH C 2 .  ? 0.034   6.906   -0.886  1.00 0.00  ? 330 HOH A H2   1 
HETATM 768 O O    . HOH D 2 .  ? -3.045  -17.443 -15.653 1.00 27.46 ? 201 HOH B O    1 
HETATM 769 H H1   . HOH D 2 .  ? -3.338  -16.535 -15.644 1.00 0.00  ? 201 HOH B H1   1 
HETATM 770 H H2   . HOH D 2 .  ? -2.200  -17.379 -15.187 1.00 0.00  ? 201 HOH B H2   1 
HETATM 771 O O    . HOH D 2 .  ? 3.591   10.489  1.419   1.00 42.34 ? 204 HOH B O    1 
HETATM 772 H H1   . HOH D 2 .  ? 3.326   11.343  1.066   1.00 0.00  ? 204 HOH B H1   1 
HETATM 773 H H2   . HOH D 2 .  ? 4.561   10.563  1.474   1.00 0.00  ? 204 HOH B H2   1 
HETATM 774 O O    . HOH D 2 .  ? 11.729  16.342  15.385  1.00 48.78 ? 206 HOH B O    1 
HETATM 775 H H1   . HOH D 2 .  ? 11.406  17.137  14.874  1.00 0.00  ? 206 HOH B H1   1 
HETATM 776 H H2   . HOH D 2 .  ? 12.643  16.574  15.279  1.00 0.00  ? 206 HOH B H2   1 
HETATM 777 O O    . HOH D 2 .  ? 10.481  13.335  15.181  1.00 25.28 ? 208 HOH B O    1 
HETATM 778 H H1   . HOH D 2 .  ? 10.132  14.239  15.172  1.00 0.00  ? 208 HOH B H1   1 
HETATM 779 H H2   . HOH D 2 .  ? 11.381  13.465  15.506  1.00 0.00  ? 208 HOH B H2   1 
HETATM 780 O O    . HOH D 2 .  ? 10.188  13.519  4.200   1.00 20.09 ? 211 HOH B O    1 
HETATM 781 H H1   . HOH D 2 .  ? 9.901   14.285  3.715   1.00 0.00  ? 211 HOH B H1   1 
HETATM 782 H H2   . HOH D 2 .  ? 11.155  13.592  4.220   1.00 0.00  ? 211 HOH B H2   1 
HETATM 783 O O    . HOH D 2 .  ? -12.269 -20.399 -20.654 1.00 33.72 ? 212 HOH B O    1 
HETATM 784 H H1   . HOH D 2 .  ? -12.505 -19.574 -21.066 1.00 0.00  ? 212 HOH B H1   1 
HETATM 785 H H2   . HOH D 2 .  ? -11.303 -20.402 -20.640 1.00 0.00  ? 212 HOH B H2   1 
HETATM 786 O O    . HOH D 2 .  ? 8.320   14.744  12.823  1.00 9.83  ? 213 HOH B O    1 
HETATM 787 H H1   . HOH D 2 .  ? 7.986   15.628  12.673  1.00 0.00  ? 213 HOH B H1   1 
HETATM 788 H H2   . HOH D 2 .  ? 9.224   14.909  13.107  1.00 0.00  ? 213 HOH B H2   1 
HETATM 789 O O    . HOH D 2 .  ? 12.102  17.914  13.396  1.00 20.26 ? 214 HOH B O    1 
HETATM 790 H H1   . HOH D 2 .  ? 11.563  18.704  13.174  1.00 0.00  ? 214 HOH B H1   1 
HETATM 791 H H2   . HOH D 2 .  ? 12.994  18.256  13.311  1.00 0.00  ? 214 HOH B H2   1 
HETATM 792 O O    . HOH D 2 .  ? 11.430  5.569   8.383   1.00 41.82 ? 215 HOH B O    1 
HETATM 793 H H1   . HOH D 2 .  ? 11.137  6.114   7.659   1.00 0.00  ? 215 HOH B H1   1 
HETATM 794 H H2   . HOH D 2 .  ? 12.310  5.214   8.149   1.00 0.00  ? 215 HOH B H2   1 
HETATM 795 O O    . HOH D 2 .  ? 13.379  10.487  9.549   1.00 7.85  ? 222 HOH B O    1 
HETATM 796 H H1   . HOH D 2 .  ? 13.146  11.321  9.150   1.00 0.00  ? 222 HOH B H1   1 
HETATM 797 H H2   . HOH D 2 .  ? 14.334  10.422  9.441   1.00 0.00  ? 222 HOH B H2   1 
HETATM 798 O O    . HOH D 2 .  ? 10.663  15.763  8.198   1.00 11.83 ? 223 HOH B O    1 
HETATM 799 H H1   . HOH D 2 .  ? 10.383  16.646  7.924   1.00 0.00  ? 223 HOH B H1   1 
HETATM 800 H H2   . HOH D 2 .  ? 11.621  15.838  8.140   1.00 0.00  ? 223 HOH B H2   1 
HETATM 801 O O    . HOH D 2 .  ? -12.353 -18.660 -27.314 1.00 42.17 ? 224 HOH B O    1 
HETATM 802 H H1   . HOH D 2 .  ? -12.420 -17.718 -27.549 1.00 0.00  ? 224 HOH B H1   1 
HETATM 803 H H2   . HOH D 2 .  ? -11.391 -18.757 -27.151 1.00 0.00  ? 224 HOH B H2   1 
HETATM 804 O O    . HOH D 2 .  ? 13.195  9.324   12.455  1.00 34.92 ? 227 HOH B O    1 
HETATM 805 H H1   . HOH D 2 .  ? 12.998  10.139  11.994  1.00 0.00  ? 227 HOH B H1   1 
HETATM 806 H H2   . HOH D 2 .  ? 14.150  9.365   12.630  1.00 0.00  ? 227 HOH B H2   1 
HETATM 807 O O    . HOH D 2 .  ? 9.912   7.244   13.699  1.00 11.78 ? 229 HOH B O    1 
HETATM 808 H H1   . HOH D 2 .  ? 9.692   8.137   13.430  1.00 0.00  ? 229 HOH B H1   1 
HETATM 809 H H2   . HOH D 2 .  ? 10.869  7.313   13.763  1.00 0.00  ? 229 HOH B H2   1 
HETATM 810 O O    . HOH D 2 .  ? 11.823  9.824   14.767  1.00 47.39 ? 231 HOH B O    1 
HETATM 811 H H1   . HOH D 2 .  ? 11.702  10.747  14.960  1.00 0.00  ? 231 HOH B H1   1 
HETATM 812 H H2   . HOH D 2 .  ? 12.679  9.584   15.179  1.00 0.00  ? 231 HOH B H2   1 
HETATM 813 O O    . HOH D 2 .  ? 8.980   11.148  18.843  1.00 22.12 ? 236 HOH B O    1 
HETATM 814 H H1   . HOH D 2 .  ? 8.845   11.990  18.418  1.00 0.00  ? 236 HOH B H1   1 
HETATM 815 H H2   . HOH D 2 .  ? 9.954   11.114  18.923  1.00 0.00  ? 236 HOH B H2   1 
HETATM 816 O O    . HOH D 2 .  ? 0.613   -16.995 -13.319 1.00 18.07 ? 237 HOH B O    1 
HETATM 817 H H1   . HOH D 2 .  ? 0.369   -16.225 -13.848 1.00 0.00  ? 237 HOH B H1   1 
HETATM 818 H H2   . HOH D 2 .  ? 1.554   -17.031 -13.499 1.00 0.00  ? 237 HOH B H2   1 
HETATM 819 O O    . HOH D 2 .  ? 6.200   12.675  18.180  1.00 44.60 ? 238 HOH B O    1 
HETATM 820 H H1   . HOH D 2 .  ? 5.466   13.188  18.570  1.00 0.00  ? 238 HOH B H1   1 
HETATM 821 H H2   . HOH D 2 .  ? 6.963   12.852  18.781  1.00 0.00  ? 238 HOH B H2   1 
HETATM 822 O O    . HOH D 2 .  ? 4.123   -3.171  1.791   1.00 15.92 ? 239 HOH B O    1 
HETATM 823 H H1   . HOH D 2 .  ? 3.884   -2.245  1.960   1.00 0.00  ? 239 HOH B H1   1 
HETATM 824 H H2   . HOH D 2 .  ? 4.907   -3.198  2.389   1.00 0.00  ? 239 HOH B H2   1 
HETATM 825 O O    . HOH D 2 .  ? 1.712   -5.377  -15.202 1.00 14.73 ? 240 HOH B O    1 
HETATM 826 H H1   . HOH D 2 .  ? 1.319   -4.518  -15.395 1.00 0.00  ? 240 HOH B H1   1 
HETATM 827 H H2   . HOH D 2 .  ? 2.665   -5.279  -15.159 1.00 0.00  ? 240 HOH B H2   1 
HETATM 828 O O    . HOH D 2 .  ? -0.966  -17.209 -10.995 1.00 21.00 ? 243 HOH B O    1 
HETATM 829 H H1   . HOH D 2 .  ? -0.989  -16.455 -11.598 1.00 0.00  ? 243 HOH B H1   1 
HETATM 830 H H2   . HOH D 2 .  ? -0.037  -17.456 -11.208 1.00 0.00  ? 243 HOH B H2   1 
HETATM 831 O O    . HOH D 2 .  ? 6.671   -1.538  -13.026 1.00 5.69  ? 244 HOH B O    1 
HETATM 832 H H1   . HOH D 2 .  ? 6.476   -0.752  -13.527 1.00 0.00  ? 244 HOH B H1   1 
HETATM 833 H H2   . HOH D 2 .  ? 7.622   -1.605  -13.133 1.00 0.00  ? 244 HOH B H2   1 
HETATM 834 O O    . HOH D 2 .  ? 9.347   -3.444  0.880   1.00 17.14 ? 245 HOH B O    1 
HETATM 835 H H1   . HOH D 2 .  ? 9.210   -2.645  0.375   1.00 0.00  ? 245 HOH B H1   1 
HETATM 836 H H2   . HOH D 2 .  ? 10.303  -3.502  0.734   1.00 0.00  ? 245 HOH B H2   1 
HETATM 837 O O    . HOH D 2 .  ? 0.361   1.459   -14.555 1.00 25.10 ? 250 HOH B O    1 
HETATM 838 H H1   . HOH D 2 .  ? 0.277   2.386   -14.763 1.00 0.00  ? 250 HOH B H1   1 
HETATM 839 H H2   . HOH D 2 .  ? 1.305   1.334   -14.347 1.00 0.00  ? 250 HOH B H2   1 
HETATM 840 O O    . HOH D 2 .  ? -2.124  -1.861  -14.000 1.00 33.38 ? 253 HOH B O    1 
HETATM 841 H H1   . HOH D 2 .  ? -2.401  -0.979  -14.248 1.00 0.00  ? 253 HOH B H1   1 
HETATM 842 H H2   . HOH D 2 .  ? -1.163  -1.816  -13.956 1.00 0.00  ? 253 HOH B H2   1 
HETATM 843 O O    . HOH D 2 .  ? -3.462  -12.946 -10.338 1.00 13.25 ? 254 HOH B O    1 
HETATM 844 H H1   . HOH D 2 .  ? -3.798  -12.068 -10.453 1.00 0.00  ? 254 HOH B H1   1 
HETATM 845 H H2   . HOH D 2 .  ? -2.572  -12.870 -10.058 1.00 0.00  ? 254 HOH B H2   1 
HETATM 846 O O    . HOH D 2 .  ? -0.913  -12.730 -8.561  1.00 27.63 ? 260 HOH B O    1 
HETATM 847 H H1   . HOH D 2 .  ? -1.348  -11.865 -8.397  1.00 0.00  ? 260 HOH B H1   1 
HETATM 848 H H2   . HOH D 2 .  ? -0.017  -12.533 -8.247  1.00 0.00  ? 260 HOH B H2   1 
HETATM 849 O O    . HOH D 2 .  ? -6.202  -1.586  -13.163 1.00 29.91 ? 261 HOH B O    1 
HETATM 850 H H1   . HOH D 2 .  ? -6.422  -0.688  -13.433 1.00 0.00  ? 261 HOH B H1   1 
HETATM 851 H H2   . HOH D 2 .  ? -5.241  -1.519  -13.039 1.00 0.00  ? 261 HOH B H2   1 
HETATM 852 O O    . HOH D 2 .  ? -5.680  -3.644  -11.444 1.00 24.07 ? 262 HOH B O    1 
HETATM 853 H H1   . HOH D 2 .  ? -6.018  -2.851  -11.922 1.00 0.00  ? 262 HOH B H1   1 
HETATM 854 H H2   . HOH D 2 .  ? -4.746  -3.504  -11.635 1.00 0.00  ? 262 HOH B H2   1 
HETATM 855 O O    . HOH D 2 .  ? -1.801  -0.836  -11.464 1.00 23.55 ? 263 HOH B O    1 
HETATM 856 H H1   . HOH D 2 .  ? -2.041  -0.018  -11.906 1.00 0.00  ? 263 HOH B H1   1 
HETATM 857 H H2   . HOH D 2 .  ? -0.847  -0.856  -11.548 1.00 0.00  ? 263 HOH B H2   1 
HETATM 858 O O    . HOH D 2 .  ? 5.150   -6.559  -3.686  1.00 34.18 ? 264 HOH B O    1 
HETATM 859 H H1   . HOH D 2 .  ? 4.889   -5.674  -3.960  1.00 0.00  ? 264 HOH B H1   1 
HETATM 860 H H2   . HOH D 2 .  ? 6.108   -6.492  -3.664  1.00 0.00  ? 264 HOH B H2   1 
HETATM 861 O O    . HOH D 2 .  ? 5.129   -8.549  -6.700  1.00 27.16 ? 265 HOH B O    1 
HETATM 862 H H1   . HOH D 2 .  ? 4.872   -7.655  -6.929  1.00 0.00  ? 265 HOH B H1   1 
HETATM 863 H H2   . HOH D 2 .  ? 6.083   -8.498  -6.610  1.00 0.00  ? 265 HOH B H2   1 
HETATM 864 O O    . HOH D 2 .  ? -5.531  -4.781  -9.142  1.00 48.10 ? 268 HOH B O    1 
HETATM 865 H H1   . HOH D 2 .  ? -5.869  -4.212  -9.862  1.00 0.00  ? 268 HOH B H1   1 
HETATM 866 H H2   . HOH D 2 .  ? -4.717  -5.091  -9.523  1.00 0.00  ? 268 HOH B H2   1 
HETATM 867 O O    . HOH D 2 .  ? -4.402  -0.994  -11.205 1.00 36.06 ? 269 HOH B O    1 
HETATM 868 H H1   . HOH D 2 .  ? -4.779  -0.105  -11.102 1.00 0.00  ? 269 HOH B H1   1 
HETATM 869 H H2   . HOH D 2 .  ? -3.456  -0.879  -10.996 1.00 0.00  ? 269 HOH B H2   1 
HETATM 870 O O    . HOH D 2 .  ? -3.231  -3.003  -3.696  1.00 31.42 ? 274 HOH B O    1 
HETATM 871 H H1   . HOH D 2 .  ? -3.592  -2.375  -4.331  1.00 0.00  ? 274 HOH B H1   1 
HETATM 872 H H2   . HOH D 2 .  ? -2.357  -3.168  -4.051  1.00 0.00  ? 274 HOH B H2   1 
HETATM 873 O O    . HOH D 2 .  ? 1.165   -3.055  1.077   1.00 37.62 ? 276 HOH B O    1 
HETATM 874 H H1   . HOH D 2 .  ? 1.055   -2.136  0.835   1.00 0.00  ? 276 HOH B H1   1 
HETATM 875 H H2   . HOH D 2 .  ? 2.126   -3.146  1.212   1.00 0.00  ? 276 HOH B H2   1 
HETATM 876 O O    . HOH D 2 .  ? 5.006   12.138  15.770  1.00 36.14 ? 277 HOH B O    1 
HETATM 877 H H1   . HOH D 2 .  ? 4.548   12.978  15.785  1.00 0.00  ? 277 HOH B H1   1 
HETATM 878 H H2   . HOH D 2 .  ? 5.846   12.225  16.242  1.00 0.00  ? 277 HOH B H2   1 
HETATM 879 O O    . HOH D 2 .  ? -3.825  -4.998  -5.458  1.00 28.08 ? 278 HOH B O    1 
HETATM 880 H H1   . HOH D 2 .  ? -4.087  -4.190  -5.911  1.00 0.00  ? 278 HOH B H1   1 
HETATM 881 H H2   . HOH D 2 .  ? -2.871  -5.028  -5.591  1.00 0.00  ? 278 HOH B H2   1 
HETATM 882 O O    . HOH D 2 .  ? 7.428   -2.225  4.190   1.00 43.77 ? 280 HOH B O    1 
HETATM 883 H H1   . HOH D 2 .  ? 7.310   -1.306  3.954   1.00 0.00  ? 280 HOH B H1   1 
HETATM 884 H H2   . HOH D 2 .  ? 8.389   -2.314  4.258   1.00 0.00  ? 280 HOH B H2   1 
HETATM 885 O O    . HOH D 2 .  ? 4.762   -1.956  3.869   1.00 41.90 ? 282 HOH B O    1 
HETATM 886 H H1   . HOH D 2 .  ? 4.557   -1.021  3.851   1.00 0.00  ? 282 HOH B H1   1 
HETATM 887 H H2   . HOH D 2 .  ? 5.684   -1.991  4.169   1.00 0.00  ? 282 HOH B H2   1 
HETATM 888 O O    . HOH D 2 .  ? -4.736  -24.793 -29.798 1.00 39.88 ? 284 HOH B O    1 
HETATM 889 H H1   . HOH D 2 .  ? -5.037  -23.926 -30.090 1.00 0.00  ? 284 HOH B H1   1 
HETATM 890 H H2   . HOH D 2 .  ? -3.784  -24.697 -29.772 1.00 0.00  ? 284 HOH B H2   1 
HETATM 891 O O    . HOH D 2 .  ? 13.188  14.489  16.475  1.00 39.95 ? 285 HOH B O    1 
HETATM 892 H H1   . HOH D 2 .  ? 12.806  15.273  16.120  1.00 0.00  ? 285 HOH B H1   1 
HETATM 893 H H2   . HOH D 2 .  ? 14.173  14.645  16.460  1.00 0.00  ? 285 HOH B H2   1 
HETATM 894 O O    . HOH D 2 .  ? -3.843  -20.806 -30.176 1.00 42.28 ? 286 HOH B O    1 
HETATM 895 H H1   . HOH D 2 .  ? -4.065  -19.917 -30.478 1.00 0.00  ? 286 HOH B H1   1 
HETATM 896 H H2   . HOH D 2 .  ? -2.886  -20.741 -30.123 1.00 0.00  ? 286 HOH B H2   1 
HETATM 897 O O    . HOH D 2 .  ? -8.662  -22.218 -30.634 1.00 40.37 ? 287 HOH B O    1 
HETATM 898 H H1   . HOH D 2 .  ? -8.914  -21.388 -31.076 1.00 0.00  ? 287 HOH B H1   1 
HETATM 899 H H2   . HOH D 2 .  ? -7.711  -22.198 -30.704 1.00 0.00  ? 287 HOH B H2   1 
HETATM 900 O O    . HOH D 2 .  ? -7.959  -16.084 -31.675 1.00 40.92 ? 288 HOH B O    1 
HETATM 901 H H1   . HOH D 2 .  ? -8.082  -15.121 -31.706 1.00 0.00  ? 288 HOH B H1   1 
HETATM 902 H H2   . HOH D 2 .  ? -7.012  -16.201 -31.469 1.00 0.00  ? 288 HOH B H2   1 
HETATM 903 O O    . HOH D 2 .  ? 5.168   -0.081  6.434   1.00 44.06 ? 289 HOH B O    1 
HETATM 904 H H1   . HOH D 2 .  ? 4.887   0.834   6.425   1.00 0.00  ? 289 HOH B H1   1 
HETATM 905 H H2   . HOH D 2 .  ? 6.023   -0.013  6.885   1.00 0.00  ? 289 HOH B H2   1 
HETATM 906 O O    . HOH D 2 .  ? 3.916   13.260  12.701  1.00 34.06 ? 290 HOH B O    1 
HETATM 907 H H1   . HOH D 2 .  ? 3.634   13.988  12.144  1.00 0.00  ? 290 HOH B H1   1 
HETATM 908 H H2   . HOH D 2 .  ? 4.847   13.144  12.515  1.00 0.00  ? 290 HOH B H2   1 
HETATM 909 O O    . HOH D 2 .  ? -12.074 -18.240 -30.533 1.00 35.81 ? 291 HOH B O    1 
HETATM 910 H H1   . HOH D 2 .  ? -12.090 -17.288 -30.573 1.00 0.00  ? 291 HOH B H1   1 
HETATM 911 H H2   . HOH D 2 .  ? -11.126 -18.442 -30.640 1.00 0.00  ? 291 HOH B H2   1 
HETATM 912 O O    . HOH D 2 .  ? 12.337  15.083  5.129   1.00 44.75 ? 292 HOH B O    1 
HETATM 913 H H1   . HOH D 2 .  ? 11.951  15.945  5.307   1.00 0.00  ? 292 HOH B H1   1 
HETATM 914 H H2   . HOH D 2 .  ? 13.187  15.116  5.594   1.00 0.00  ? 292 HOH B H2   1 
HETATM 915 O O    . HOH D 2 .  ? 0.747   -15.500 -21.891 1.00 40.23 ? 293 HOH B O    1 
HETATM 916 H H1   . HOH D 2 .  ? 0.458   -14.598 -21.777 1.00 0.00  ? 293 HOH B H1   1 
HETATM 917 H H2   . HOH D 2 .  ? 1.584   -15.465 -21.421 1.00 0.00  ? 293 HOH B H2   1 
HETATM 918 O O    . HOH D 2 .  ? -1.787  -17.847 -24.429 1.00 37.15 ? 295 HOH B O    1 
HETATM 919 H H1   . HOH D 2 .  ? -1.998  -16.997 -24.823 1.00 0.00  ? 295 HOH B H1   1 
HETATM 920 H H2   . HOH D 2 .  ? -0.809  -17.777 -24.486 1.00 0.00  ? 295 HOH B H2   1 
HETATM 921 O O    . HOH D 2 .  ? 3.841   12.510  7.563   1.00 32.02 ? 296 HOH B O    1 
HETATM 922 H H1   . HOH D 2 .  ? 3.607   13.412  7.309   1.00 0.00  ? 296 HOH B H1   1 
HETATM 923 H H2   . HOH D 2 .  ? 4.795   12.561  7.612   1.00 0.00  ? 296 HOH B H2   1 
HETATM 924 O O    . HOH D 2 .  ? -10.574 -19.763 -29.270 1.00 30.28 ? 298 HOH B O    1 
HETATM 925 H H1   . HOH D 2 .  ? -11.097 -18.949 -29.181 1.00 0.00  ? 298 HOH B H1   1 
HETATM 926 H H2   . HOH D 2 .  ? -9.660  -19.470 -29.339 1.00 0.00  ? 298 HOH B H2   1 
HETATM 927 O O    . HOH D 2 .  ? -4.953  -9.487  -22.302 1.00 39.91 ? 299 HOH B O    1 
HETATM 928 H H1   . HOH D 2 .  ? -5.354  -8.668  -22.459 1.00 0.00  ? 299 HOH B H1   1 
HETATM 929 H H2   . HOH D 2 .  ? -4.046  -9.394  -22.498 1.00 0.00  ? 299 HOH B H2   1 
HETATM 930 O O    . HOH D 2 .  ? -7.623  -20.483 -32.160 1.00 39.17 ? 300 HOH B O    1 
HETATM 931 H H1   . HOH D 2 .  ? -7.816  -19.517 -32.180 1.00 0.00  ? 300 HOH B H1   1 
HETATM 932 H H2   . HOH D 2 .  ? -6.682  -20.382 -31.881 1.00 0.00  ? 300 HOH B H2   1 
HETATM 933 O O    . HOH D 2 .  ? 6.939   -12.656 -10.486 1.00 41.05 ? 310 HOH B O    1 
HETATM 934 H H1   . HOH D 2 .  ? 6.537   -12.032 -11.079 1.00 0.00  ? 310 HOH B H1   1 
HETATM 935 H H2   . HOH D 2 .  ? 7.809   -12.814 -10.817 1.00 0.00  ? 310 HOH B H2   1 
HETATM 936 O O    . HOH D 2 .  ? -4.251  -2.647  -15.604 1.00 46.37 ? 312 HOH B O    1 
HETATM 937 H H1   . HOH D 2 .  ? -4.484  -1.815  -16.011 1.00 0.00  ? 312 HOH B H1   1 
HETATM 938 H H2   . HOH D 2 .  ? -3.297  -2.651  -15.542 1.00 0.00  ? 312 HOH B H2   1 
HETATM 939 O O    . HOH D 2 .  ? 2.499   -11.370 -8.092  1.00 35.59 ? 318 HOH B O    1 
HETATM 940 H H1   . HOH D 2 .  ? 2.149   -10.475 -8.079  1.00 0.00  ? 318 HOH B H1   1 
HETATM 941 H H2   . HOH D 2 .  ? 3.463   -11.240 -8.111  1.00 0.00  ? 318 HOH B H2   1 
HETATM 942 O O    . HOH D 2 .  ? -3.455  2.937   -13.673 1.00 39.37 ? 319 HOH B O    1 
HETATM 943 H H1   . HOH D 2 .  ? -3.698  3.826   -13.939 1.00 0.00  ? 319 HOH B H1   1 
HETATM 944 H H2   . HOH D 2 .  ? -2.504  2.995   -13.574 1.00 0.00  ? 319 HOH B H2   1 
HETATM 945 O O    . HOH D 2 .  ? -6.006  -6.288  -11.302 1.00 48.79 ? 321 HOH B O    1 
HETATM 946 H H1   . HOH D 2 .  ? -6.348  -5.374  -11.367 1.00 0.00  ? 321 HOH B H1   1 
HETATM 947 H H2   . HOH D 2 .  ? -5.177  -6.156  -10.845 1.00 0.00  ? 321 HOH B H2   1 
HETATM 948 O O    . HOH D 2 .  ? -0.735  4.267   -10.798 1.00 34.33 ? 324 HOH B O    1 
HETATM 949 H H1   . HOH D 2 .  ? -1.017  5.132   -11.102 1.00 0.00  ? 324 HOH B H1   1 
HETATM 950 H H2   . HOH D 2 .  ? 0.228   4.349   -10.810 1.00 0.00  ? 324 HOH B H2   1 
HETATM 951 O O    . HOH D 2 .  ? -4.611  -6.920  -6.937  1.00 45.29 ? 325 HOH B O    1 
HETATM 952 H H1   . HOH D 2 .  ? -4.830  -5.981  -6.948  1.00 0.00  ? 325 HOH B H1   1 
HETATM 953 H H2   . HOH D 2 .  ? -3.692  -6.893  -6.680  1.00 0.00  ? 325 HOH B H2   1 
HETATM 954 O O    . HOH D 2 .  ? -5.261  -3.884  -17.596 1.00 47.99 ? 327 HOH B O    1 
HETATM 955 H H1   . HOH D 2 .  ? -5.574  -3.002  -17.415 1.00 0.00  ? 327 HOH B H1   1 
HETATM 956 H H2   . HOH D 2 .  ? -4.461  -3.920  -17.055 1.00 0.00  ? 327 HOH B H2   1 
# 
